data_1D7W
#
_entry.id   1D7W
#
_cell.length_a   111.338
_cell.length_b   63.324
_cell.length_c   92.263
_cell.angle_alpha   90.00
_cell.angle_beta   97.41
_cell.angle_gamma   90.00
#
_symmetry.space_group_name_H-M   'P 1 21 1'
#
loop_
_entity.id
_entity.type
_entity.pdbx_description
1 polymer MYELOPEROXIDASE
2 polymer MYELOPEROXIDASE
3 branched alpha-D-mannopyranose-(1-3)-[alpha-D-mannopyranose-(1-6)]beta-D-mannopyranose-(1-4)-2-acetamido-2-deoxy-beta-D-glucopyranose-(1-4)-[alpha-L-fucopyranose-(1-6)]2-acetamido-2-deoxy-beta-D-glucopyranose
4 non-polymer 'BROMIDE ION'
5 non-polymer 'SULFATE ION'
6 non-polymer 'CYANIDE ION'
7 non-polymer 'ACETATE ION'
8 non-polymer 'PROTOPORPHYRIN IX CONTAINING FE'
9 non-polymer 2-acetamido-2-deoxy-beta-D-glucopyranose
10 non-polymer 'CALCIUM ION'
11 water water
#
loop_
_entity_poly.entity_id
_entity_poly.type
_entity_poly.pdbx_seq_one_letter_code
_entity_poly.pdbx_strand_id
1 'polypeptide(L)'
;CPEQDKYRTITGMCNNRRSPTLGASNRAFVRWLPAEYEDGFSLPYGWTPGVKRNGFPVALARAVSNEIVRFPTDQLTPDQ
ERSLMFMQWGQLLDHDLDFTPEPA
;
A,B
2 'polypeptide(L)'
;VNCETSCVQQPPCFPLKIPPNDPRIKNQADCIPFFRS(CSO)PACPGSNITIRNQINALTSFVDASMVYGSEEPLARNLR
NMSNQLGLLAVNQRFQDNGRALLPFDNLHDDPCLLTNRSARIPCFLAGDTRSSEMPELTSMHTLLLREHNRLATELKSLN
PRWDGERLYQEARKIVGAMVQIITYRDYLPLVLGPTAMRKYLPTYRSYNDSVDPRIANVFTNAFRYGHTLIQPFMFRLDN
RYQPMEPNPRVPLSRVFFASWRVVLEGGIDPILRGLMATPAKLNRQNQIAVDEIRERLFEQVMRIGLDLPALNMQRSRDH
GLPGYNAWRRFCGLPQPETVGQLGTVLRNLKLARKLMEQYGTPNNIDIWMGGVSEPLKRKGRVGPLLACIIGTQFRKLRD
GDRFWWENEGVFSMQQRQALAQISLPRIICDNTGITTVSKNNIFMSNSYPRDFVNCSTLPALNLASWREA
;
C,D
#
loop_
_chem_comp.id
_chem_comp.type
_chem_comp.name
_chem_comp.formula
ACT non-polymer 'ACETATE ION' 'C2 H3 O2 -1'
BMA D-saccharide, beta linking beta-D-mannopyranose 'C6 H12 O6'
BR non-polymer 'BROMIDE ION' 'Br -1'
CA non-polymer 'CALCIUM ION' 'Ca 2'
CYN non-polymer 'CYANIDE ION' 'C N -1'
FUC L-saccharide, alpha linking alpha-L-fucopyranose 'C6 H12 O5'
HEM non-polymer 'PROTOPORPHYRIN IX CONTAINING FE' 'C34 H32 Fe N4 O4'
MAN D-saccharide, alpha linking alpha-D-mannopyranose 'C6 H12 O6'
NAG D-saccharide, beta linking 2-acetamido-2-deoxy-beta-D-glucopyranose 'C8 H15 N O6'
SO4 non-polymer 'SULFATE ION' 'O4 S -2'
#
# COMPACT_ATOMS: atom_id res chain seq x y z
N CYS A 1 0.06 -1.62 23.29
CA CYS A 1 -0.33 -0.21 23.57
C CYS A 1 -1.11 -0.11 24.87
N PRO A 2 -0.81 0.92 25.69
CA PRO A 2 -1.46 1.17 27.00
C PRO A 2 -2.95 0.86 27.02
N GLU A 3 -3.39 0.26 28.14
CA GLU A 3 -4.79 -0.11 28.37
C GLU A 3 -5.68 1.06 28.05
N GLN A 4 -5.53 2.13 28.85
CA GLN A 4 -6.23 3.41 28.70
C GLN A 4 -5.23 4.55 28.81
N ASP A 5 -5.47 5.63 28.06
CA ASP A 5 -4.58 6.80 28.02
C ASP A 5 -5.38 8.08 27.86
N LYS A 6 -4.83 9.16 28.38
CA LYS A 6 -5.53 10.45 28.33
C LYS A 6 -4.96 11.37 27.25
N TYR A 7 -3.72 11.11 26.87
CA TYR A 7 -3.02 11.98 25.93
C TYR A 7 -2.37 11.22 24.78
N ARG A 8 -2.24 11.90 23.65
CA ARG A 8 -1.52 11.35 22.51
C ARG A 8 -0.08 11.11 22.92
N THR A 9 0.56 10.10 22.34
CA THR A 9 2.01 10.01 22.47
C THR A 9 2.66 11.13 21.63
N ILE A 10 3.95 11.36 21.83
CA ILE A 10 4.68 12.33 21.01
C ILE A 10 4.87 11.82 19.58
N THR A 11 5.18 10.53 19.44
CA THR A 11 5.42 9.93 18.11
C THR A 11 4.15 9.61 17.34
N GLY A 12 2.96 9.64 17.98
CA GLY A 12 1.74 9.27 17.29
C GLY A 12 1.46 7.78 17.43
N MET A 13 2.47 7.08 17.91
CA MET A 13 2.41 5.65 18.20
C MET A 13 1.18 5.32 19.08
N CYS A 14 0.49 4.23 18.76
CA CYS A 14 -0.66 3.74 19.51
C CYS A 14 -1.94 4.58 19.34
N ASN A 15 -1.93 5.60 18.45
CA ASN A 15 -3.19 6.30 18.15
C ASN A 15 -4.21 5.26 17.63
N ASN A 16 -3.79 4.46 16.66
CA ASN A 16 -4.60 3.34 16.16
C ASN A 16 -4.19 2.06 16.90
N ARG A 17 -5.09 1.51 17.67
CA ARG A 17 -4.76 0.32 18.46
C ARG A 17 -4.40 -0.93 17.62
N ARG A 18 -5.15 -1.23 16.58
CA ARG A 18 -4.89 -2.44 15.80
C ARG A 18 -3.60 -2.36 14.95
N SER A 19 -3.27 -1.16 14.50
CA SER A 19 -2.05 -0.91 13.70
C SER A 19 -1.44 0.36 14.29
N PRO A 20 -0.76 0.19 15.45
CA PRO A 20 -0.16 1.29 16.22
C PRO A 20 0.92 2.19 15.57
N THR A 21 1.36 1.91 14.33
CA THR A 21 2.34 2.80 13.70
C THR A 21 1.66 3.83 12.78
N LEU A 22 0.37 3.60 12.43
CA LEU A 22 -0.33 4.47 11.47
C LEU A 22 -0.45 5.89 11.98
N GLY A 23 0.10 6.83 11.21
CA GLY A 23 0.09 8.21 11.58
C GLY A 23 1.26 8.58 12.49
N ALA A 24 1.99 7.56 12.94
CA ALA A 24 3.18 7.78 13.77
C ALA A 24 4.34 8.32 12.93
N SER A 25 5.30 8.97 13.58
CA SER A 25 6.49 9.56 12.91
C SER A 25 7.52 8.48 12.44
N ASN A 26 8.34 8.83 11.44
CA ASN A 26 9.39 7.95 10.91
C ASN A 26 8.86 6.64 10.34
N ARG A 27 7.77 6.74 9.56
CA ARG A 27 7.16 5.62 8.84
C ARG A 27 7.00 6.01 7.37
N ALA A 28 6.96 5.02 6.46
CA ALA A 28 6.78 5.32 5.02
C ALA A 28 5.43 5.90 4.76
N PHE A 29 5.33 6.78 3.79
CA PHE A 29 4.04 7.31 3.40
C PHE A 29 3.16 6.17 2.91
N VAL A 30 1.86 6.37 2.97
CA VAL A 30 0.96 5.38 2.34
C VAL A 30 0.84 5.72 0.83
N ARG A 31 0.72 4.70 0.00
CA ARG A 31 0.55 4.90 -1.43
C ARG A 31 -0.90 4.71 -1.83
N TRP A 32 -1.53 5.76 -2.36
CA TRP A 32 -2.86 5.65 -2.93
C TRP A 32 -2.81 5.13 -4.35
N LEU A 33 -1.68 5.28 -5.02
CA LEU A 33 -1.49 4.69 -6.34
C LEU A 33 -0.07 4.10 -6.40
N PRO A 34 0.12 3.02 -7.16
CA PRO A 34 1.43 2.39 -7.30
C PRO A 34 2.42 3.41 -7.86
N ALA A 35 3.65 3.38 -7.32
CA ALA A 35 4.70 4.30 -7.77
C ALA A 35 5.13 4.01 -9.21
N GLU A 36 5.57 5.10 -9.86
CA GLU A 36 6.01 5.09 -11.25
C GLU A 36 7.44 5.60 -11.39
N TYR A 37 8.36 4.64 -11.47
CA TYR A 37 9.78 4.88 -11.60
C TYR A 37 10.26 4.41 -12.95
N GLU A 38 11.39 4.97 -13.39
CA GLU A 38 11.99 4.69 -14.70
C GLU A 38 12.23 3.18 -14.89
N ASP A 39 12.76 2.55 -13.85
CA ASP A 39 13.06 1.14 -13.83
C ASP A 39 11.97 0.35 -13.10
N GLY A 40 10.91 1.03 -12.74
CA GLY A 40 9.82 0.38 -12.06
C GLY A 40 9.97 0.34 -10.55
N PHE A 41 11.16 0.60 -10.02
CA PHE A 41 11.26 0.49 -8.57
C PHE A 41 12.11 1.55 -7.87
N SER A 42 12.87 2.37 -8.59
CA SER A 42 13.75 3.27 -7.85
C SER A 42 14.20 4.53 -8.57
N LEU A 43 14.69 4.38 -9.80
CA LEU A 43 15.19 5.54 -10.55
C LEU A 43 14.05 6.44 -11.03
N PRO A 44 14.17 7.73 -10.76
CA PRO A 44 13.16 8.73 -11.14
C PRO A 44 13.14 9.02 -12.65
N TYR A 45 11.96 9.36 -13.16
CA TYR A 45 11.90 9.78 -14.56
C TYR A 45 12.77 11.04 -14.73
N GLY A 46 13.57 11.02 -15.78
CA GLY A 46 14.54 12.09 -16.00
C GLY A 46 15.96 11.71 -15.63
N TRP A 47 16.12 10.53 -15.04
CA TRP A 47 17.44 10.05 -14.61
C TRP A 47 18.33 9.56 -15.78
N THR A 48 17.80 8.72 -16.67
CA THR A 48 18.61 8.17 -17.74
C THR A 48 18.34 8.86 -19.03
N PRO A 49 19.36 9.46 -19.63
CA PRO A 49 19.24 10.17 -20.93
C PRO A 49 18.65 9.25 -22.00
N GLY A 50 17.65 9.76 -22.72
CA GLY A 50 17.03 8.98 -23.74
C GLY A 50 15.89 8.12 -23.26
N VAL A 51 15.68 8.04 -21.95
CA VAL A 51 14.56 7.25 -21.48
C VAL A 51 13.29 8.10 -21.42
N LYS A 52 12.34 7.71 -22.28
CA LYS A 52 11.05 8.36 -22.41
C LYS A 52 10.08 7.86 -21.37
N ARG A 53 9.11 8.69 -21.07
CA ARG A 53 8.04 8.30 -20.19
C ARG A 53 6.76 8.15 -21.02
N ASN A 54 6.28 6.88 -21.13
CA ASN A 54 5.03 6.57 -21.84
C ASN A 54 5.01 7.24 -23.23
N GLY A 55 6.11 7.09 -23.97
CA GLY A 55 6.14 7.57 -25.34
C GLY A 55 6.71 8.98 -25.60
N PHE A 56 6.94 9.78 -24.55
CA PHE A 56 7.43 11.14 -24.75
C PHE A 56 8.62 11.42 -23.88
N PRO A 57 9.46 12.37 -24.28
CA PRO A 57 10.61 12.73 -23.48
C PRO A 57 10.16 13.37 -22.17
N VAL A 58 10.94 13.16 -21.12
CA VAL A 58 10.69 13.77 -19.83
C VAL A 58 11.01 15.24 -19.91
N ALA A 59 10.00 16.08 -19.66
CA ALA A 59 10.15 17.53 -19.70
C ALA A 59 10.99 18.01 -18.51
N LEU A 60 12.04 18.80 -18.78
CA LEU A 60 12.84 19.35 -17.69
C LEU A 60 11.93 20.14 -16.76
N ALA A 61 12.02 19.85 -15.43
CA ALA A 61 11.21 20.58 -14.45
C ALA A 61 11.40 22.07 -14.60
N ARG A 62 12.66 22.47 -14.84
CA ARG A 62 13.00 23.87 -15.00
C ARG A 62 12.41 24.43 -16.32
N ALA A 63 12.40 23.66 -17.39
CA ALA A 63 11.77 24.13 -18.62
C ALA A 63 10.25 24.40 -18.40
N VAL A 64 9.55 23.47 -17.71
CA VAL A 64 8.12 23.59 -17.41
C VAL A 64 7.87 24.86 -16.62
N SER A 65 8.66 25.05 -15.59
CA SER A 65 8.59 26.23 -14.78
C SER A 65 8.75 27.51 -15.62
N ASN A 66 9.81 27.54 -16.45
CA ASN A 66 10.08 28.72 -17.29
C ASN A 66 8.96 29.01 -18.31
N GLU A 67 8.35 27.96 -18.89
CA GLU A 67 7.36 28.15 -19.95
C GLU A 67 5.92 28.24 -19.46
N ILE A 68 5.64 27.64 -18.32
CA ILE A 68 4.27 27.63 -17.81
C ILE A 68 4.10 28.51 -16.60
N VAL A 69 5.05 28.45 -15.67
CA VAL A 69 4.89 29.14 -14.37
C VAL A 69 5.32 30.61 -14.36
N ARG A 70 6.46 30.92 -15.00
CA ARG A 70 6.97 32.28 -15.05
C ARG A 70 5.91 33.32 -15.54
N PHE A 71 5.86 34.43 -14.87
CA PHE A 71 4.99 35.51 -15.25
C PHE A 71 5.54 36.82 -14.71
N PRO A 72 5.14 37.97 -15.30
CA PRO A 72 5.57 39.32 -14.90
C PRO A 72 5.06 39.71 -13.52
N THR A 73 5.98 39.90 -12.57
CA THR A 73 5.63 40.26 -11.18
C THR A 73 4.64 41.43 -11.06
N ASP A 74 4.67 42.39 -11.97
CA ASP A 74 3.72 43.49 -11.84
C ASP A 74 2.29 43.11 -12.29
N GLN A 75 2.12 41.85 -12.74
CA GLN A 75 0.79 41.34 -13.14
C GLN A 75 0.12 40.64 -11.97
N LEU A 76 0.86 40.44 -10.89
CA LEU A 76 0.36 39.76 -9.67
C LEU A 76 -1.01 40.28 -9.28
N THR A 77 -1.93 39.39 -9.08
CA THR A 77 -3.29 39.78 -8.74
C THR A 77 -3.56 39.51 -7.28
N PRO A 78 -3.82 40.56 -6.48
CA PRO A 78 -4.11 40.40 -5.06
C PRO A 78 -5.46 39.66 -4.93
N ASP A 79 -5.51 38.72 -3.98
CA ASP A 79 -6.76 38.01 -3.70
C ASP A 79 -7.61 38.90 -2.83
N GLN A 80 -8.68 39.41 -3.39
CA GLN A 80 -9.54 40.28 -2.62
C GLN A 80 -10.24 39.57 -1.46
N GLU A 81 -10.34 38.22 -1.51
CA GLU A 81 -11.05 37.47 -0.46
C GLU A 81 -10.15 36.53 0.34
N ARG A 82 -8.82 36.72 0.27
CA ARG A 82 -7.90 35.97 1.12
C ARG A 82 -6.74 36.86 1.66
N SER A 83 -6.43 36.65 2.93
CA SER A 83 -5.32 37.31 3.59
C SER A 83 -4.08 36.48 3.41
N LEU A 84 -2.94 37.10 3.55
CA LEU A 84 -1.67 36.39 3.49
C LEU A 84 -1.59 35.33 4.64
N MET A 85 -2.41 35.54 5.70
CA MET A 85 -2.52 34.58 6.82
C MET A 85 -3.03 33.21 6.32
N PHE A 86 -3.87 33.24 5.25
CA PHE A 86 -4.39 32.03 4.58
C PHE A 86 -3.21 31.24 4.03
N MET A 87 -2.27 31.98 3.42
CA MET A 87 -1.02 31.40 2.94
C MET A 87 -0.22 30.82 4.12
N GLN A 88 0.00 31.64 5.14
CA GLN A 88 0.86 31.21 6.23
C GLN A 88 0.31 30.03 7.06
N TRP A 89 -1.01 29.99 7.31
CA TRP A 89 -1.56 28.86 8.10
C TRP A 89 -1.33 27.54 7.39
N GLY A 90 -1.47 27.59 6.04
CA GLY A 90 -1.24 26.42 5.22
C GLY A 90 0.12 25.86 5.40
N GLN A 91 1.12 26.72 5.38
CA GLN A 91 2.48 26.28 5.59
C GLN A 91 2.70 25.72 7.02
N LEU A 92 2.16 26.42 8.03
CA LEU A 92 2.25 26.00 9.43
C LEU A 92 1.62 24.61 9.61
N LEU A 93 0.44 24.46 8.98
CA LEU A 93 -0.32 23.20 9.01
C LEU A 93 0.40 22.11 8.29
N ASP A 94 0.99 22.45 7.12
CA ASP A 94 1.79 21.48 6.34
C ASP A 94 2.86 20.85 7.26
N HIS A 95 3.47 21.73 8.11
CA HIS A 95 4.56 21.37 9.03
C HIS A 95 4.08 20.55 10.24
N ASP A 96 2.76 20.45 10.41
CA ASP A 96 2.18 19.55 11.41
C ASP A 96 2.01 18.17 10.77
N LEU A 97 1.82 18.14 9.42
CA LEU A 97 1.45 16.89 8.72
C LEU A 97 2.59 16.10 8.10
N ASP A 98 3.53 16.79 7.40
CA ASP A 98 4.59 16.05 6.74
C ASP A 98 5.91 16.80 6.57
N PHE A 99 6.98 16.06 6.77
CA PHE A 99 8.35 16.45 6.52
C PHE A 99 9.06 15.24 5.94
N THR A 100 9.53 15.37 4.70
CA THR A 100 10.21 14.28 3.98
C THR A 100 11.70 14.49 4.10
N PRO A 101 12.37 13.71 4.95
CA PRO A 101 13.80 13.85 5.17
C PRO A 101 14.64 13.48 3.97
N GLU A 102 15.80 14.09 3.92
CA GLU A 102 16.80 13.86 2.90
C GLU A 102 18.13 13.80 3.61
N PRO A 103 19.17 13.20 3.03
CA PRO A 103 20.49 13.18 3.66
C PRO A 103 21.05 14.62 3.63
N ALA A 104 21.82 15.00 4.63
CA ALA A 104 22.34 16.36 4.70
C ALA A 104 23.41 16.62 3.64
N VAL B 1 30.77 14.18 -2.73
CA VAL B 1 29.42 14.20 -3.39
C VAL B 1 28.82 15.61 -3.31
N ASN B 2 28.06 15.87 -2.23
CA ASN B 2 27.42 17.15 -2.00
C ASN B 2 26.52 17.55 -3.16
N CYS B 3 25.23 17.44 -2.95
CA CYS B 3 24.28 17.80 -3.97
C CYS B 3 24.18 19.32 -4.10
N GLU B 4 24.78 20.03 -3.16
CA GLU B 4 24.71 21.48 -3.19
C GLU B 4 25.88 22.16 -3.90
N THR B 5 27.00 21.44 -4.09
CA THR B 5 28.20 22.04 -4.69
C THR B 5 28.54 21.45 -6.06
N SER B 6 27.89 20.37 -6.47
CA SER B 6 28.18 19.79 -7.77
C SER B 6 26.90 19.50 -8.53
N CYS B 7 27.03 19.20 -9.82
CA CYS B 7 25.92 18.81 -10.64
C CYS B 7 26.07 17.36 -11.00
N VAL B 8 26.91 16.65 -10.26
CA VAL B 8 27.13 15.25 -10.55
C VAL B 8 25.86 14.45 -10.19
N GLN B 9 25.35 13.65 -11.14
CA GLN B 9 24.17 12.84 -10.87
C GLN B 9 24.57 11.44 -10.40
N GLN B 10 24.73 11.35 -9.09
CA GLN B 10 25.12 10.14 -8.39
C GLN B 10 24.41 10.20 -7.04
N PRO B 11 24.02 9.06 -6.47
CA PRO B 11 23.36 9.01 -5.17
C PRO B 11 24.09 9.88 -4.13
N PRO B 12 23.33 10.62 -3.30
CA PRO B 12 21.86 10.66 -3.32
C PRO B 12 21.31 11.87 -4.10
N CYS B 13 22.07 12.35 -5.07
CA CYS B 13 21.68 13.54 -5.80
C CYS B 13 20.84 13.23 -7.06
N PHE B 14 19.92 14.14 -7.36
CA PHE B 14 19.10 14.13 -8.59
C PHE B 14 18.95 15.57 -9.06
N PRO B 15 20.08 16.22 -9.39
CA PRO B 15 20.07 17.62 -9.83
C PRO B 15 19.13 17.89 -10.99
N LEU B 16 18.44 19.03 -10.94
CA LEU B 16 17.63 19.51 -12.07
C LEU B 16 18.56 19.99 -13.21
N LYS B 17 18.34 19.43 -14.38
CA LYS B 17 19.04 19.80 -15.59
C LYS B 17 18.47 21.14 -16.11
N ILE B 18 19.34 21.94 -16.74
CA ILE B 18 18.94 23.27 -17.21
C ILE B 18 18.66 23.24 -18.71
N PRO B 19 17.54 23.82 -19.13
CA PRO B 19 17.17 23.85 -20.54
C PRO B 19 18.03 24.85 -21.28
N PRO B 20 18.23 24.67 -22.54
CA PRO B 20 19.01 25.62 -23.34
C PRO B 20 18.23 26.96 -23.29
N ASN B 21 18.92 28.10 -23.38
CA ASN B 21 18.22 29.41 -23.41
C ASN B 21 17.46 29.77 -22.11
N ASP B 22 17.90 29.23 -20.98
CA ASP B 22 17.29 29.58 -19.72
C ASP B 22 17.48 31.09 -19.51
N PRO B 23 16.49 31.81 -18.97
CA PRO B 23 16.61 33.27 -18.75
C PRO B 23 17.60 33.64 -17.62
N ARG B 24 18.03 32.65 -16.83
CA ARG B 24 18.94 32.88 -15.70
C ARG B 24 20.19 31.99 -15.73
N ILE B 25 20.02 30.68 -15.81
CA ILE B 25 21.18 29.80 -15.76
C ILE B 25 21.67 29.51 -17.16
N LYS B 26 22.48 30.45 -17.65
CA LYS B 26 22.99 30.44 -19.01
C LYS B 26 23.89 29.25 -19.29
N ASN B 27 24.51 28.71 -18.24
CA ASN B 27 25.38 27.56 -18.38
C ASN B 27 24.50 26.29 -18.45
N GLN B 28 24.29 25.79 -19.66
CA GLN B 28 23.42 24.63 -19.93
C GLN B 28 23.79 23.40 -19.11
N ALA B 29 25.06 23.31 -18.72
CA ALA B 29 25.57 22.20 -17.95
C ALA B 29 25.45 22.40 -16.44
N ASP B 30 25.10 23.63 -15.97
CA ASP B 30 24.86 23.92 -14.53
C ASP B 30 23.63 23.12 -14.08
N CYS B 31 23.09 23.43 -12.93
CA CYS B 31 21.93 22.69 -12.44
C CYS B 31 21.38 23.37 -11.22
N ILE B 32 20.21 22.91 -10.80
CA ILE B 32 19.65 23.40 -9.54
C ILE B 32 19.80 22.27 -8.55
N PRO B 33 20.45 22.52 -7.39
CA PRO B 33 20.68 21.52 -6.33
C PRO B 33 19.41 20.71 -5.92
N PHE B 34 19.58 19.39 -5.76
CA PHE B 34 18.49 18.50 -5.37
C PHE B 34 19.00 17.19 -4.78
N PHE B 35 18.59 16.94 -3.55
CA PHE B 35 18.86 15.67 -2.82
C PHE B 35 17.61 14.81 -2.89
N ARG B 36 17.78 13.55 -3.26
CA ARG B 36 16.66 12.64 -3.25
C ARG B 36 16.17 12.43 -1.83
N SER B 37 14.85 12.32 -1.67
CA SER B 37 14.26 12.03 -0.35
C SER B 37 14.74 10.67 0.10
N CSO B 38 15.04 10.54 1.41
CA CSO B 38 15.48 9.29 1.98
CB CSO B 38 15.58 9.40 3.51
SG CSO B 38 16.79 10.57 4.14
C CSO B 38 14.51 8.16 1.69
O CSO B 38 13.29 8.30 1.89
OD CSO B 38 18.11 9.92 3.95
N PRO B 39 15.01 7.02 1.20
CA PRO B 39 14.17 5.88 0.90
C PRO B 39 13.76 5.14 2.22
N ALA B 40 12.53 4.68 2.28
CA ALA B 40 12.06 3.90 3.43
C ALA B 40 12.87 2.62 3.66
N CYS B 41 13.32 1.95 2.56
CA CYS B 41 14.13 0.71 2.64
C CYS B 41 15.40 0.84 1.83
N PRO B 42 16.43 1.46 2.40
CA PRO B 42 17.72 1.71 1.72
C PRO B 42 18.30 0.55 0.96
N GLY B 43 18.60 0.83 -0.33
CA GLY B 43 19.26 -0.10 -1.23
C GLY B 43 18.55 -1.40 -1.56
N SER B 44 17.25 -1.49 -1.34
CA SER B 44 16.57 -2.73 -1.63
C SER B 44 16.41 -2.99 -3.12
N ASN B 45 16.53 -4.24 -3.53
CA ASN B 45 16.20 -4.59 -4.91
C ASN B 45 14.97 -5.50 -4.97
N ILE B 46 14.07 -5.27 -4.03
CA ILE B 46 12.81 -5.98 -3.99
C ILE B 46 11.66 -4.99 -3.79
N THR B 47 11.81 -4.09 -2.82
CA THR B 47 10.76 -3.09 -2.53
C THR B 47 10.64 -2.03 -3.62
N ILE B 48 9.45 -1.46 -3.75
CA ILE B 48 9.29 -0.28 -4.60
C ILE B 48 9.66 0.92 -3.73
N ARG B 49 10.66 1.68 -4.11
CA ARG B 49 11.12 2.79 -3.30
C ARG B 49 9.95 3.68 -2.83
N ASN B 50 9.94 3.98 -1.54
CA ASN B 50 8.98 4.88 -0.95
C ASN B 50 9.70 5.86 -0.03
N GLN B 51 9.04 6.97 0.28
CA GLN B 51 9.62 7.99 1.12
C GLN B 51 9.04 7.95 2.54
N ILE B 52 9.64 8.72 3.41
CA ILE B 52 9.33 8.68 4.84
C ILE B 52 8.71 9.99 5.33
N ASN B 53 7.67 9.88 6.19
CA ASN B 53 7.18 11.04 6.94
C ASN B 53 7.86 11.02 8.32
N ALA B 54 8.60 12.09 8.61
CA ALA B 54 9.32 12.25 9.87
C ALA B 54 8.42 12.77 11.01
N LEU B 55 7.21 13.22 10.65
CA LEU B 55 6.27 13.87 11.55
C LEU B 55 5.06 13.00 11.83
N THR B 56 4.31 13.35 12.89
CA THR B 56 3.06 12.65 13.11
C THR B 56 2.06 13.20 12.09
N SER B 57 1.33 12.30 11.45
CA SER B 57 0.35 12.69 10.41
C SER B 57 -0.78 13.49 11.05
N PHE B 58 -1.08 13.18 12.31
CA PHE B 58 -2.20 13.81 12.99
C PHE B 58 -2.07 15.32 13.08
N VAL B 59 -3.23 15.98 13.02
CA VAL B 59 -3.32 17.40 13.31
C VAL B 59 -3.29 17.54 14.87
N ASP B 60 -2.05 17.56 15.40
CA ASP B 60 -1.80 17.52 16.86
C ASP B 60 -0.79 18.55 17.30
N ALA B 61 -0.57 19.58 16.48
CA ALA B 61 0.41 20.63 16.74
C ALA B 61 1.83 20.07 17.04
N SER B 62 2.21 18.98 16.35
CA SER B 62 3.53 18.40 16.54
C SER B 62 4.64 19.35 16.04
N MET B 63 4.26 20.40 15.29
CA MET B 63 5.23 21.38 14.82
C MET B 63 5.67 22.29 15.98
N VAL B 64 4.89 22.22 17.09
CA VAL B 64 5.13 22.93 18.36
C VAL B 64 5.89 22.03 19.37
N TYR B 65 5.39 20.79 19.54
CA TYR B 65 5.83 19.85 20.58
C TYR B 65 6.91 18.84 20.14
N GLY B 66 7.01 18.61 18.82
CA GLY B 66 7.92 17.62 18.24
C GLY B 66 7.25 16.28 18.00
N SER B 67 7.84 15.42 17.15
CA SER B 67 7.31 14.09 16.84
C SER B 67 8.27 12.95 17.28
N GLU B 68 9.33 13.29 17.99
CA GLU B 68 10.33 12.34 18.49
C GLU B 68 10.66 12.72 19.93
N GLU B 69 10.92 11.72 20.80
CA GLU B 69 10.99 11.95 22.27
C GLU B 69 12.13 12.79 22.79
N PRO B 70 13.37 12.61 22.26
CA PRO B 70 14.50 13.42 22.72
C PRO B 70 14.13 14.88 22.53
N LEU B 71 13.76 15.25 21.28
CA LEU B 71 13.35 16.60 20.91
C LEU B 71 12.20 17.13 21.81
N ALA B 72 11.15 16.33 21.99
CA ALA B 72 9.99 16.75 22.76
C ALA B 72 10.42 17.17 24.17
N ARG B 73 11.28 16.37 24.79
CA ARG B 73 11.76 16.70 26.12
C ARG B 73 12.65 17.94 26.08
N ASN B 74 13.47 18.07 25.03
CA ASN B 74 14.35 19.25 24.88
C ASN B 74 13.59 20.55 24.61
N LEU B 75 12.34 20.43 24.13
CA LEU B 75 11.53 21.62 23.87
C LEU B 75 10.84 22.13 25.13
N ARG B 76 10.78 21.30 26.15
CA ARG B 76 10.06 21.62 27.41
C ARG B 76 10.95 22.27 28.50
N ASN B 77 10.37 23.20 29.23
CA ASN B 77 11.09 23.80 30.35
C ASN B 77 11.02 22.86 31.56
N MET B 78 12.11 22.14 31.79
CA MET B 78 12.15 21.14 32.85
C MET B 78 12.79 21.67 34.14
N SER B 79 12.87 22.99 34.27
CA SER B 79 13.51 23.62 35.43
C SER B 79 12.56 23.79 36.62
N ASN B 80 11.28 23.45 36.40
CA ASN B 80 10.23 23.57 37.42
C ASN B 80 9.07 22.68 37.05
N GLN B 81 8.02 22.72 37.86
CA GLN B 81 6.80 21.93 37.60
C GLN B 81 5.65 22.80 37.04
N LEU B 82 6.01 23.75 36.13
CA LEU B 82 5.02 24.66 35.53
C LEU B 82 4.50 24.15 34.20
N GLY B 83 5.14 23.08 33.70
CA GLY B 83 4.73 22.46 32.43
C GLY B 83 4.88 23.36 31.21
N LEU B 84 5.92 24.18 31.19
CA LEU B 84 6.07 25.12 30.11
C LEU B 84 6.98 24.62 29.02
N LEU B 85 6.92 25.31 27.87
CA LEU B 85 7.88 25.10 26.80
C LEU B 85 9.06 26.02 27.08
N ALA B 86 10.27 25.54 26.80
CA ALA B 86 11.50 26.35 26.93
C ALA B 86 11.43 27.59 26.03
N VAL B 87 11.92 28.72 26.53
CA VAL B 87 11.93 29.96 25.74
C VAL B 87 13.38 30.50 25.57
N ASN B 88 13.59 31.31 24.54
CA ASN B 88 14.92 31.90 24.28
C ASN B 88 15.46 32.55 25.56
N GLN B 89 16.66 32.19 25.94
CA GLN B 89 17.27 32.74 27.14
C GLN B 89 18.15 33.97 26.80
N ARG B 90 18.20 34.38 25.52
CA ARG B 90 19.02 35.52 25.11
C ARG B 90 18.23 36.78 24.68
N PHE B 91 17.00 36.60 24.13
CA PHE B 91 16.21 37.75 23.65
C PHE B 91 14.75 37.58 23.97
N GLN B 92 14.11 38.71 24.16
CA GLN B 92 12.67 38.80 24.32
C GLN B 92 12.12 39.79 23.30
N ASP B 93 10.82 39.67 23.04
CA ASP B 93 10.09 40.48 22.10
C ASP B 93 9.11 41.39 22.85
N ASN B 94 9.60 42.58 23.20
CA ASN B 94 8.88 43.57 24.01
C ASN B 94 8.33 42.90 25.27
N GLY B 95 9.18 42.06 25.91
CA GLY B 95 8.79 41.39 27.15
C GLY B 95 8.14 40.03 26.97
N ARG B 96 7.90 39.62 25.72
CA ARG B 96 7.25 38.34 25.44
C ARG B 96 8.21 37.29 24.90
N ALA B 97 7.82 36.03 25.00
CA ALA B 97 8.71 34.92 24.65
C ALA B 97 9.06 34.77 23.15
N LEU B 98 10.30 34.42 22.90
CA LEU B 98 10.69 34.02 21.56
C LEU B 98 11.12 32.60 21.64
N LEU B 99 11.18 31.93 20.50
CA LEU B 99 11.61 30.56 20.46
C LEU B 99 13.06 30.47 20.86
N PRO B 100 13.48 29.36 21.53
CA PRO B 100 14.89 29.18 21.89
C PRO B 100 15.69 28.95 20.61
N PHE B 101 16.96 29.33 20.62
CA PHE B 101 17.84 29.10 19.49
C PHE B 101 18.16 27.64 19.35
N ASP B 102 18.33 27.20 18.10
CA ASP B 102 18.72 25.84 17.78
C ASP B 102 20.26 25.78 17.73
N ASN B 103 20.80 24.58 17.62
CA ASN B 103 22.23 24.35 17.55
C ASN B 103 22.56 23.44 16.35
N LEU B 104 22.57 24.02 15.18
CA LEU B 104 22.81 23.26 13.97
C LEU B 104 24.30 23.25 13.63
N HIS B 105 24.66 22.45 12.61
CA HIS B 105 26.06 22.35 12.17
C HIS B 105 26.45 23.59 11.40
N ASP B 106 26.04 23.69 10.13
CA ASP B 106 26.27 24.91 9.36
C ASP B 106 24.93 25.63 9.24
N ASP B 107 24.56 26.28 10.34
CA ASP B 107 23.29 26.99 10.47
C ASP B 107 23.07 27.96 9.28
N PRO B 108 22.02 27.68 8.49
CA PRO B 108 21.67 28.50 7.33
C PRO B 108 21.24 29.92 7.70
N CYS B 109 20.66 30.08 8.89
CA CYS B 109 20.21 31.38 9.33
C CYS B 109 21.38 32.37 9.54
N LEU B 110 22.51 31.87 10.03
CA LEU B 110 23.71 32.70 10.23
C LEU B 110 24.10 33.40 8.95
N LEU B 111 23.94 32.68 7.84
CA LEU B 111 24.32 33.17 6.50
C LEU B 111 23.44 34.30 5.96
N THR B 112 22.21 34.45 6.47
CA THR B 112 21.30 35.48 5.94
C THR B 112 21.74 36.90 6.30
N ASN B 113 22.39 37.04 7.45
CA ASN B 113 23.00 38.30 7.91
C ASN B 113 24.21 37.94 8.73
N ARG B 114 25.36 37.92 8.08
CA ARG B 114 26.58 37.48 8.71
C ARG B 114 26.96 38.24 9.98
N SER B 115 26.78 39.56 9.97
CA SER B 115 27.11 40.37 11.16
C SER B 115 26.16 40.14 12.34
N ALA B 116 24.85 39.95 12.07
CA ALA B 116 23.84 39.80 13.13
C ALA B 116 24.09 38.56 14.04
N ARG B 117 24.71 37.53 13.49
CA ARG B 117 25.00 36.32 14.25
C ARG B 117 23.79 35.73 14.99
N ILE B 118 22.62 35.69 14.36
CA ILE B 118 21.44 35.09 14.99
C ILE B 118 21.17 33.71 14.37
N PRO B 119 21.31 32.61 15.14
CA PRO B 119 21.09 31.24 14.62
C PRO B 119 19.59 30.93 14.33
N CYS B 120 19.33 29.77 13.75
CA CYS B 120 17.96 29.36 13.52
C CYS B 120 17.26 29.08 14.84
N PHE B 121 15.93 29.04 14.80
CA PHE B 121 15.16 28.77 16.01
C PHE B 121 14.96 27.27 16.20
N LEU B 122 14.73 26.85 17.46
CA LEU B 122 14.41 25.45 17.79
C LEU B 122 12.90 25.31 18.06
N ALA B 123 12.27 24.40 17.32
CA ALA B 123 10.86 24.19 17.47
C ALA B 123 10.53 22.71 17.33
N GLY B 124 9.23 22.37 17.40
CA GLY B 124 8.77 21.00 17.19
C GLY B 124 9.10 20.51 15.77
N ASP B 125 9.10 21.43 14.79
CA ASP B 125 9.47 21.10 13.42
C ASP B 125 10.76 21.87 13.05
N THR B 126 11.67 21.22 12.34
CA THR B 126 12.97 21.80 11.89
C THR B 126 12.88 23.03 10.93
N ARG B 127 11.69 23.37 10.39
CA ARG B 127 11.63 24.45 9.36
C ARG B 127 11.11 25.79 9.87
N SER B 128 10.96 25.93 11.19
CA SER B 128 10.34 27.13 11.80
C SER B 128 10.94 28.45 11.37
N SER B 129 12.22 28.41 10.94
CA SER B 129 12.90 29.63 10.54
C SER B 129 12.86 29.89 9.02
N GLU B 130 12.30 28.96 8.21
CA GLU B 130 12.30 29.09 6.72
C GLU B 130 11.87 30.52 6.20
N MET B 131 10.86 31.12 6.85
CA MET B 131 10.48 32.51 6.59
C MET B 131 9.94 33.10 7.92
N PRO B 132 10.30 34.40 8.27
CA PRO B 132 9.87 35.05 9.55
C PRO B 132 8.38 34.95 9.90
N GLU B 133 7.53 34.92 8.88
CA GLU B 133 6.08 34.82 9.09
C GLU B 133 5.68 33.43 9.68
N LEU B 134 6.37 32.40 9.22
CA LEU B 134 6.19 31.06 9.75
C LEU B 134 6.76 31.03 11.17
N THR B 135 7.86 31.77 11.36
CA THR B 135 8.50 31.87 12.66
C THR B 135 7.55 32.53 13.66
N SER B 136 6.91 33.59 13.22
CA SER B 136 5.98 34.29 14.05
C SER B 136 4.77 33.41 14.46
N MET B 137 4.27 32.54 13.54
CA MET B 137 3.17 31.61 13.87
C MET B 137 3.61 30.59 14.89
N HIS B 138 4.87 30.14 14.76
CA HIS B 138 5.47 29.18 15.69
C HIS B 138 5.61 29.79 17.08
N THR B 139 6.00 31.06 17.13
CA THR B 139 6.17 31.75 18.39
C THR B 139 4.83 31.98 19.07
N LEU B 140 3.84 32.36 18.24
CA LEU B 140 2.47 32.57 18.70
C LEU B 140 1.93 31.34 19.47
N LEU B 141 2.10 30.14 18.91
CA LEU B 141 1.57 28.94 19.57
C LEU B 141 2.40 28.52 20.80
N LEU B 142 3.69 28.86 20.79
CA LEU B 142 4.56 28.63 21.95
C LEU B 142 4.09 29.49 23.11
N ARG B 143 3.70 30.72 22.83
CA ARG B 143 3.18 31.62 23.89
C ARG B 143 1.84 31.12 24.41
N GLU B 144 0.98 30.69 23.49
CA GLU B 144 -0.35 30.18 23.84
C GLU B 144 -0.25 28.97 24.75
N HIS B 145 0.76 28.12 24.51
CA HIS B 145 1.01 26.96 25.35
C HIS B 145 1.36 27.37 26.78
N ASN B 146 2.30 28.31 26.91
CA ASN B 146 2.74 28.75 28.23
C ASN B 146 1.62 29.52 28.97
N ARG B 147 0.85 30.29 28.21
CA ARG B 147 -0.31 31.00 28.76
C ARG B 147 -1.31 30.00 29.38
N LEU B 148 -1.70 29.01 28.56
CA LEU B 148 -2.62 27.97 28.95
C LEU B 148 -2.13 27.20 30.18
N ALA B 149 -0.85 26.82 30.19
CA ALA B 149 -0.27 26.10 31.32
C ALA B 149 -0.34 26.93 32.62
N THR B 150 -0.08 28.26 32.50
CA THR B 150 -0.09 29.19 33.65
C THR B 150 -1.48 29.30 34.23
N GLU B 151 -2.46 29.50 33.32
CA GLU B 151 -3.87 29.58 33.69
C GLU B 151 -4.37 28.27 34.34
N LEU B 152 -4.07 27.14 33.73
CA LEU B 152 -4.47 25.83 34.25
C LEU B 152 -3.88 25.57 35.67
N LYS B 153 -2.70 26.17 35.93
CA LYS B 153 -2.01 26.03 37.18
C LYS B 153 -2.73 26.85 38.27
N SER B 154 -3.28 28.02 37.90
CA SER B 154 -4.04 28.80 38.86
C SER B 154 -5.37 28.08 39.12
N LEU B 155 -5.90 27.49 38.03
CA LEU B 155 -7.13 26.73 38.00
C LEU B 155 -7.05 25.51 38.92
N ASN B 156 -6.02 24.68 38.69
CA ASN B 156 -5.76 23.40 39.39
C ASN B 156 -4.35 23.37 40.04
N PRO B 157 -4.20 23.97 41.24
CA PRO B 157 -2.92 24.03 41.97
C PRO B 157 -2.24 22.69 42.21
N ARG B 158 -2.99 21.63 42.43
CA ARG B 158 -2.39 20.29 42.68
C ARG B 158 -1.74 19.69 41.43
N TRP B 159 -2.07 20.21 40.26
CA TRP B 159 -1.53 19.68 39.00
C TRP B 159 -0.02 19.91 38.87
N ASP B 160 0.69 18.80 38.59
CA ASP B 160 2.14 18.81 38.38
C ASP B 160 2.50 19.23 36.95
N GLY B 161 3.81 19.32 36.68
CA GLY B 161 4.36 19.76 35.37
C GLY B 161 3.85 18.96 34.18
N GLU B 162 3.99 17.62 34.28
CA GLU B 162 3.54 16.69 33.25
C GLU B 162 2.06 16.87 32.93
N ARG B 163 1.24 16.99 33.98
CA ARG B 163 -0.19 17.20 33.81
C ARG B 163 -0.47 18.53 33.11
N LEU B 164 0.17 19.61 33.57
CA LEU B 164 -0.01 20.94 32.99
C LEU B 164 0.43 20.98 31.53
N TYR B 165 1.59 20.41 31.25
CA TYR B 165 2.10 20.33 29.88
C TYR B 165 1.10 19.59 29.00
N GLN B 166 0.68 18.39 29.46
CA GLN B 166 -0.21 17.59 28.64
C GLN B 166 -1.54 18.26 28.39
N GLU B 167 -2.09 18.94 29.43
CA GLU B 167 -3.40 19.60 29.32
C GLU B 167 -3.37 20.81 28.39
N ALA B 168 -2.29 21.58 28.45
CA ALA B 168 -2.12 22.75 27.58
C ALA B 168 -1.84 22.27 26.14
N ARG B 169 -0.97 21.27 26.00
CA ARG B 169 -0.67 20.63 24.71
C ARG B 169 -1.98 20.16 24.01
N LYS B 170 -2.91 19.58 24.82
CA LYS B 170 -4.18 19.07 24.29
C LYS B 170 -5.07 20.21 23.79
N ILE B 171 -5.07 21.30 24.51
CA ILE B 171 -5.86 22.45 24.08
C ILE B 171 -5.28 23.10 22.80
N VAL B 172 -3.94 23.20 22.73
CA VAL B 172 -3.27 23.77 21.54
C VAL B 172 -3.57 22.91 20.30
N GLY B 173 -3.53 21.58 20.49
CA GLY B 173 -3.84 20.64 19.43
C GLY B 173 -5.27 20.77 18.95
N ALA B 174 -6.18 21.00 19.92
CA ALA B 174 -7.58 21.24 19.63
C ALA B 174 -7.74 22.57 18.85
N MET B 175 -6.98 23.59 19.26
CA MET B 175 -7.04 24.88 18.57
C MET B 175 -6.61 24.76 17.09
N VAL B 176 -5.57 23.98 16.82
CA VAL B 176 -5.11 23.83 15.45
C VAL B 176 -6.16 23.11 14.59
N GLN B 177 -6.76 22.04 15.15
CA GLN B 177 -7.82 21.29 14.46
C GLN B 177 -9.02 22.17 14.14
N ILE B 178 -9.51 22.95 15.14
CA ILE B 178 -10.65 23.83 14.93
C ILE B 178 -10.36 24.95 13.87
N ILE B 179 -9.29 25.71 14.04
CA ILE B 179 -8.98 26.74 13.07
C ILE B 179 -8.88 26.14 11.66
N THR B 180 -8.30 24.92 11.57
CA THR B 180 -8.06 24.25 10.29
C THR B 180 -9.35 23.76 9.57
N TYR B 181 -10.16 22.97 10.27
CA TYR B 181 -11.37 22.41 9.68
C TYR B 181 -12.57 23.39 9.64
N ARG B 182 -12.64 24.29 10.63
CA ARG B 182 -13.71 25.25 10.69
C ARG B 182 -13.44 26.47 9.82
N ASP B 183 -12.22 26.97 9.84
CA ASP B 183 -11.96 28.24 9.18
C ASP B 183 -11.14 28.16 7.91
N TYR B 184 -10.15 27.27 7.89
CA TYR B 184 -9.20 27.19 6.77
C TYR B 184 -9.65 26.31 5.61
N LEU B 185 -9.88 25.00 5.87
CA LEU B 185 -10.23 24.05 4.81
C LEU B 185 -11.45 24.44 3.96
N PRO B 186 -12.52 25.05 4.53
CA PRO B 186 -13.67 25.46 3.72
C PRO B 186 -13.26 26.54 2.68
N LEU B 187 -12.28 27.35 3.02
CA LEU B 187 -11.84 28.38 2.11
C LEU B 187 -10.82 27.84 1.08
N VAL B 188 -10.26 26.67 1.35
CA VAL B 188 -9.37 26.03 0.40
C VAL B 188 -10.19 25.31 -0.66
N LEU B 189 -11.10 24.46 -0.19
CA LEU B 189 -11.89 23.54 -1.01
C LEU B 189 -13.07 24.16 -1.71
N GLY B 190 -13.71 25.14 -1.10
CA GLY B 190 -14.97 25.64 -1.63
C GLY B 190 -16.09 24.82 -1.00
N PRO B 191 -17.33 25.35 -0.86
CA PRO B 191 -18.47 24.63 -0.22
C PRO B 191 -18.84 23.27 -0.84
N THR B 192 -18.73 23.17 -2.16
CA THR B 192 -19.09 21.92 -2.81
C THR B 192 -18.09 20.80 -2.49
N ALA B 193 -16.78 21.07 -2.63
CA ALA B 193 -15.79 20.05 -2.27
C ALA B 193 -15.81 19.77 -0.76
N MET B 194 -16.04 20.83 0.05
CA MET B 194 -16.17 20.67 1.51
C MET B 194 -17.27 19.63 1.86
N ARG B 195 -18.47 19.83 1.32
CA ARG B 195 -19.57 18.90 1.54
C ARG B 195 -19.25 17.48 1.03
N LYS B 196 -18.60 17.35 -0.12
CA LYS B 196 -18.27 16.02 -0.67
C LYS B 196 -17.24 15.24 0.14
N TYR B 197 -16.10 15.89 0.43
CA TYR B 197 -14.99 15.19 1.08
C TYR B 197 -15.01 15.32 2.59
N LEU B 198 -15.71 16.32 3.12
CA LEU B 198 -15.75 16.46 4.57
C LEU B 198 -17.16 16.52 5.15
N PRO B 199 -17.93 15.42 5.03
CA PRO B 199 -19.29 15.35 5.58
C PRO B 199 -19.21 15.49 7.09
N THR B 200 -20.34 15.84 7.73
CA THR B 200 -20.40 16.00 9.18
C THR B 200 -19.70 14.88 9.90
N TYR B 201 -18.83 15.26 10.84
CA TYR B 201 -18.12 14.30 11.68
C TYR B 201 -19.12 13.42 12.46
N ARG B 202 -18.88 12.13 12.50
CA ARG B 202 -19.77 11.25 13.29
C ARG B 202 -19.05 10.72 14.51
N SER B 203 -17.90 10.12 14.31
CA SER B 203 -17.12 9.60 15.41
C SER B 203 -15.84 9.03 14.89
N TYR B 204 -14.92 8.75 15.78
CA TYR B 204 -13.68 8.09 15.41
C TYR B 204 -13.98 6.70 14.84
N ASN B 205 -13.27 6.37 13.77
CA ASN B 205 -13.37 5.09 13.09
C ASN B 205 -11.98 4.52 12.98
N ASP B 206 -11.69 3.52 13.80
CA ASP B 206 -10.36 2.94 13.81
C ASP B 206 -10.00 2.16 12.53
N SER B 207 -10.90 2.14 11.58
CA SER B 207 -10.57 1.46 10.34
C SER B 207 -10.19 2.47 9.24
N VAL B 208 -10.24 3.77 9.58
CA VAL B 208 -9.82 4.82 8.65
C VAL B 208 -8.26 4.97 8.71
N ASP B 209 -7.57 4.79 7.56
CA ASP B 209 -6.10 4.97 7.50
C ASP B 209 -5.77 6.47 7.66
N PRO B 210 -5.08 6.86 8.77
CA PRO B 210 -4.70 8.24 9.04
C PRO B 210 -3.33 8.65 8.47
N ARG B 211 -2.57 7.75 7.87
CA ARG B 211 -1.25 8.11 7.34
C ARG B 211 -1.32 9.17 6.21
N ILE B 212 -0.32 10.03 6.12
CA ILE B 212 -0.23 10.95 5.00
C ILE B 212 0.06 10.16 3.72
N ALA B 213 -0.70 10.40 2.64
CA ALA B 213 -0.42 9.78 1.34
C ALA B 213 0.76 10.50 0.61
N ASN B 214 1.58 9.74 -0.09
CA ASN B 214 2.76 10.32 -0.78
C ASN B 214 2.38 11.51 -1.65
N VAL B 215 1.39 11.36 -2.51
CA VAL B 215 0.92 12.46 -3.38
C VAL B 215 0.55 13.75 -2.61
N PHE B 216 -0.04 13.61 -1.39
CA PHE B 216 -0.41 14.79 -0.56
C PHE B 216 0.79 15.75 -0.33
N THR B 217 1.99 15.20 -0.03
CA THR B 217 3.24 15.98 0.19
C THR B 217 3.58 16.88 -1.00
N ASN B 218 3.09 16.51 -2.17
CA ASN B 218 3.32 17.32 -3.36
C ASN B 218 2.09 18.17 -3.68
N ALA B 219 0.87 17.57 -3.56
CA ALA B 219 -0.40 18.25 -3.88
C ALA B 219 -0.72 19.44 -2.95
N PHE B 220 -0.35 19.32 -1.65
CA PHE B 220 -0.61 20.42 -0.68
C PHE B 220 0.32 21.61 -0.94
N ARG B 221 1.34 21.41 -1.80
CA ARG B 221 2.23 22.50 -2.21
C ARG B 221 1.50 23.48 -3.11
N TYR B 222 0.16 23.28 -3.29
CA TYR B 222 -0.67 24.24 -4.04
C TYR B 222 -0.49 25.64 -3.42
N GLY B 223 -0.16 25.65 -2.11
CA GLY B 223 0.00 26.87 -1.38
C GLY B 223 1.11 27.76 -1.93
N HIS B 224 2.11 27.17 -2.57
CA HIS B 224 3.21 27.99 -3.12
C HIS B 224 2.68 29.03 -4.09
N THR B 225 1.49 28.77 -4.68
CA THR B 225 0.89 29.72 -5.60
C THR B 225 0.26 30.92 -4.85
N LEU B 226 0.13 30.81 -3.52
CA LEU B 226 -0.47 31.89 -2.72
C LEU B 226 0.56 32.93 -2.22
N ILE B 227 1.85 32.60 -2.32
CA ILE B 227 2.95 33.40 -1.78
C ILE B 227 3.16 34.73 -2.49
N GLN B 228 3.23 35.79 -1.70
CA GLN B 228 3.55 37.12 -2.21
C GLN B 228 5.07 37.28 -2.25
N PRO B 229 5.59 38.10 -3.16
CA PRO B 229 7.05 38.32 -3.30
C PRO B 229 7.68 39.19 -2.20
N PHE B 230 6.88 39.61 -1.21
CA PHE B 230 7.37 40.43 -0.07
C PHE B 230 6.89 39.91 1.26
N MET B 231 7.67 40.20 2.31
CA MET B 231 7.22 40.06 3.70
C MET B 231 6.76 41.46 4.13
N PHE B 232 5.48 41.60 4.41
CA PHE B 232 4.90 42.90 4.74
C PHE B 232 4.91 43.13 6.22
N ARG B 233 5.34 44.32 6.67
CA ARG B 233 5.36 44.64 8.12
C ARG B 233 4.61 45.94 8.40
N LEU B 234 3.74 45.90 9.42
CA LEU B 234 2.95 47.07 9.78
C LEU B 234 3.09 47.44 11.26
N ASP B 235 3.12 48.75 11.54
CA ASP B 235 3.25 49.21 12.92
C ASP B 235 1.95 49.04 13.67
N ASN B 236 1.91 49.57 14.88
CA ASN B 236 0.72 49.41 15.73
C ASN B 236 -0.58 49.99 15.16
N ARG B 237 -0.50 51.00 14.29
CA ARG B 237 -1.74 51.53 13.71
C ARG B 237 -2.05 50.92 12.32
N TYR B 238 -1.33 49.83 12.00
CA TYR B 238 -1.43 49.08 10.73
C TYR B 238 -0.93 49.87 9.54
N GLN B 239 0.04 50.71 9.80
CA GLN B 239 0.66 51.46 8.74
C GLN B 239 2.03 50.84 8.43
N PRO B 240 2.56 51.09 7.22
CA PRO B 240 3.85 50.55 6.84
C PRO B 240 4.91 50.80 7.90
N MET B 241 5.54 49.72 8.37
CA MET B 241 6.62 49.82 9.31
C MET B 241 7.89 50.28 8.56
N GLU B 242 8.25 51.53 8.75
CA GLU B 242 9.42 52.10 8.09
C GLU B 242 10.73 51.75 8.85
N PRO B 243 11.91 51.82 8.18
CA PRO B 243 12.05 52.24 6.75
C PRO B 243 11.83 51.11 5.73
N ASN B 244 11.57 49.87 6.21
CA ASN B 244 11.42 48.73 5.30
C ASN B 244 10.15 47.92 5.56
N PRO B 245 8.96 48.37 5.07
CA PRO B 245 7.67 47.66 5.25
C PRO B 245 7.45 46.53 4.24
N ARG B 246 8.23 46.51 3.14
CA ARG B 246 8.13 45.45 2.11
C ARG B 246 9.47 44.83 1.81
N VAL B 247 9.78 43.71 2.47
CA VAL B 247 11.05 43.04 2.23
C VAL B 247 10.90 41.94 1.20
N PRO B 248 11.69 42.00 0.08
CA PRO B 248 11.66 40.95 -0.96
C PRO B 248 11.82 39.59 -0.29
N LEU B 249 11.08 38.58 -0.72
CA LEU B 249 11.10 37.29 -0.04
C LEU B 249 12.47 36.61 -0.03
N SER B 250 13.25 36.80 -1.12
CA SER B 250 14.62 36.23 -1.27
C SER B 250 15.60 36.71 -0.19
N ARG B 251 15.22 37.71 0.58
CA ARG B 251 16.06 38.18 1.67
C ARG B 251 15.44 37.93 3.07
N VAL B 252 14.38 37.10 3.14
CA VAL B 252 13.84 36.77 4.47
C VAL B 252 13.93 35.26 4.76
N PHE B 253 14.23 34.44 3.71
CA PHE B 253 14.36 32.99 3.94
C PHE B 253 15.45 32.70 5.00
N PHE B 254 15.07 31.98 6.07
CA PHE B 254 15.96 31.66 7.17
C PHE B 254 16.49 32.92 7.86
N ALA B 255 15.79 34.06 7.72
CA ALA B 255 16.27 35.31 8.30
C ALA B 255 15.75 35.54 9.73
N SER B 256 16.18 34.66 10.64
CA SER B 256 15.75 34.73 12.06
C SER B 256 16.13 36.03 12.74
N TRP B 257 17.25 36.62 12.31
CA TRP B 257 17.73 37.89 12.83
C TRP B 257 16.71 39.01 12.67
N ARG B 258 15.84 38.90 11.66
CA ARG B 258 14.79 39.91 11.49
C ARG B 258 13.71 39.83 12.61
N VAL B 259 13.46 38.65 13.16
CA VAL B 259 12.47 38.58 14.24
C VAL B 259 13.09 39.14 15.54
N VAL B 260 14.32 38.75 15.80
CA VAL B 260 15.07 39.16 16.98
C VAL B 260 15.43 40.65 16.94
N LEU B 261 16.01 41.12 15.81
CA LEU B 261 16.51 42.49 15.74
C LEU B 261 15.61 43.49 15.02
N GLU B 262 14.60 43.04 14.26
CA GLU B 262 13.75 44.01 13.56
C GLU B 262 12.31 44.15 14.04
N GLY B 263 12.10 44.12 15.36
CA GLY B 263 10.77 44.41 15.88
C GLY B 263 9.90 43.23 16.33
N GLY B 264 10.42 42.02 16.36
CA GLY B 264 9.63 40.91 16.87
C GLY B 264 8.54 40.43 15.96
N ILE B 265 7.54 39.77 16.52
CA ILE B 265 6.52 39.13 15.68
C ILE B 265 5.29 39.98 15.38
N ASP B 266 5.03 41.04 16.16
CA ASP B 266 3.82 41.87 15.96
C ASP B 266 3.70 42.49 14.55
N PRO B 267 4.74 43.20 14.07
CA PRO B 267 4.68 43.84 12.73
C PRO B 267 4.42 42.78 11.64
N ILE B 268 5.02 41.60 11.82
CA ILE B 268 4.84 40.47 10.90
C ILE B 268 3.40 39.90 10.94
N LEU B 269 2.86 39.72 12.15
CA LEU B 269 1.49 39.23 12.27
C LEU B 269 0.45 40.22 11.71
N ARG B 270 0.70 41.53 11.84
CA ARG B 270 -0.21 42.52 11.25
C ARG B 270 -0.12 42.47 9.74
N GLY B 271 1.10 42.27 9.22
CA GLY B 271 1.28 42.14 7.77
C GLY B 271 0.51 40.96 7.20
N LEU B 272 0.55 39.83 7.90
CA LEU B 272 -0.19 38.68 7.44
C LEU B 272 -1.71 38.93 7.43
N MET B 273 -2.22 39.68 8.42
CA MET B 273 -3.66 39.94 8.52
C MET B 273 -4.15 40.99 7.58
N ALA B 274 -3.31 42.00 7.33
CA ALA B 274 -3.76 43.18 6.61
C ALA B 274 -3.31 43.25 5.18
N THR B 275 -2.80 42.16 4.66
CA THR B 275 -2.36 42.07 3.27
C THR B 275 -3.02 40.87 2.59
N PRO B 276 -3.47 41.00 1.33
CA PRO B 276 -4.07 39.90 0.59
C PRO B 276 -3.00 38.87 0.22
N ALA B 277 -3.43 37.62 0.16
CA ALA B 277 -2.58 36.57 -0.44
C ALA B 277 -2.52 36.83 -1.95
N LYS B 278 -1.57 36.20 -2.60
CA LYS B 278 -1.53 36.23 -4.04
C LYS B 278 -2.59 35.25 -4.55
N LEU B 279 -3.39 35.66 -5.51
CA LEU B 279 -4.37 34.77 -6.10
C LEU B 279 -3.72 33.96 -7.21
N ASN B 280 -3.99 32.66 -7.23
CA ASN B 280 -3.50 31.80 -8.28
C ASN B 280 -4.39 31.98 -9.54
N ARG B 281 -3.75 32.37 -10.65
CA ARG B 281 -4.43 32.47 -11.94
C ARG B 281 -3.61 31.73 -12.97
N GLN B 282 -4.26 31.30 -14.03
CA GLN B 282 -3.62 30.39 -14.99
C GLN B 282 -2.38 30.94 -15.70
N ASN B 283 -2.28 32.26 -15.83
CA ASN B 283 -1.06 32.85 -16.41
C ASN B 283 -0.32 33.70 -15.34
N GLN B 284 -0.60 33.39 -14.07
CA GLN B 284 0.03 34.03 -12.92
C GLN B 284 0.16 32.99 -11.81
N ILE B 285 0.90 31.90 -12.10
CA ILE B 285 0.95 30.75 -11.17
C ILE B 285 1.82 30.94 -9.93
N ALA B 286 3.10 31.26 -10.11
CA ALA B 286 3.99 31.47 -8.98
C ALA B 286 5.10 32.51 -9.30
N VAL B 287 5.39 33.37 -8.32
CA VAL B 287 6.34 34.50 -8.44
C VAL B 287 7.81 34.09 -8.51
N ASP B 288 8.59 34.97 -9.14
CA ASP B 288 10.01 34.78 -9.32
C ASP B 288 10.81 34.86 -8.01
N GLU B 289 10.24 35.43 -6.94
CA GLU B 289 10.93 35.41 -5.64
C GLU B 289 11.11 33.97 -5.16
N ILE B 290 10.22 33.08 -5.58
CA ILE B 290 10.43 31.69 -5.25
C ILE B 290 10.80 30.87 -6.48
N ARG B 291 10.61 31.42 -7.70
CA ARG B 291 10.88 30.68 -8.97
C ARG B 291 12.31 30.87 -9.51
N GLU B 292 12.91 32.03 -9.14
CA GLU B 292 14.27 32.41 -9.55
C GLU B 292 15.18 32.61 -8.35
N ARG B 293 14.60 33.10 -7.25
CA ARG B 293 15.40 33.51 -6.11
C ARG B 293 15.18 32.73 -4.83
N LEU B 294 14.63 31.50 -4.90
CA LEU B 294 14.44 30.75 -3.68
C LEU B 294 15.79 30.45 -2.97
N PHE B 295 15.88 30.84 -1.68
CA PHE B 295 17.02 30.58 -0.78
C PHE B 295 18.34 31.20 -1.31
N GLU B 296 18.17 32.28 -2.05
CA GLU B 296 19.20 33.07 -2.69
C GLU B 296 20.39 33.31 -1.76
N GLN B 297 20.13 33.65 -0.52
CA GLN B 297 21.20 33.98 0.43
C GLN B 297 21.90 32.76 1.05
N VAL B 298 21.29 31.56 1.00
CA VAL B 298 21.89 30.40 1.68
C VAL B 298 22.28 29.26 0.73
N MET B 299 22.29 29.55 -0.58
CA MET B 299 22.65 28.54 -1.60
C MET B 299 23.65 29.12 -2.62
N ARG B 300 24.32 28.25 -3.38
CA ARG B 300 25.28 28.69 -4.38
C ARG B 300 24.60 29.52 -5.50
N ILE B 301 23.34 29.20 -5.78
CA ILE B 301 22.49 29.99 -6.69
C ILE B 301 21.05 29.91 -6.20
N GLY B 302 20.18 30.82 -6.70
CA GLY B 302 18.76 30.79 -6.34
C GLY B 302 18.09 29.51 -6.83
N LEU B 303 17.22 28.90 -6.02
CA LEU B 303 16.50 27.69 -6.47
C LEU B 303 15.17 28.05 -7.16
N ASP B 304 14.50 27.06 -7.72
CA ASP B 304 13.19 27.24 -8.36
C ASP B 304 12.21 26.34 -7.65
N LEU B 305 11.37 26.92 -6.79
CA LEU B 305 10.44 26.10 -5.99
C LEU B 305 9.44 25.29 -6.89
N PRO B 306 8.74 25.92 -7.90
CA PRO B 306 7.84 25.18 -8.80
C PRO B 306 8.55 24.02 -9.46
N ALA B 307 9.78 24.28 -9.95
CA ALA B 307 10.56 23.23 -10.60
C ALA B 307 10.96 22.14 -9.59
N LEU B 308 11.35 22.55 -8.38
CA LEU B 308 11.68 21.61 -7.31
C LEU B 308 10.48 20.70 -6.99
N ASN B 309 9.28 21.29 -6.95
CA ASN B 309 7.99 20.54 -6.72
C ASN B 309 7.83 19.40 -7.75
N MET B 310 8.08 19.73 -9.04
CA MET B 310 8.03 18.74 -10.14
C MET B 310 9.13 17.67 -10.07
N GLN B 311 10.35 18.06 -9.75
CA GLN B 311 11.41 17.09 -9.63
C GLN B 311 11.15 16.17 -8.43
N ARG B 312 10.52 16.72 -7.37
CA ARG B 312 10.22 15.93 -6.17
C ARG B 312 9.17 14.88 -6.46
N SER B 313 8.17 15.25 -7.24
CA SER B 313 7.15 14.28 -7.57
C SER B 313 7.75 13.09 -8.35
N ARG B 314 8.75 13.37 -9.20
CA ARG B 314 9.44 12.31 -9.96
C ARG B 314 10.31 11.46 -9.04
N ASP B 315 11.04 12.13 -8.15
CA ASP B 315 11.83 11.49 -7.12
C ASP B 315 10.93 10.50 -6.37
N HIS B 316 9.69 10.91 -6.14
CA HIS B 316 8.75 10.11 -5.38
C HIS B 316 7.99 9.08 -6.20
N GLY B 317 8.30 8.98 -7.50
CA GLY B 317 7.63 7.98 -8.34
C GLY B 317 6.14 8.20 -8.44
N LEU B 318 5.70 9.44 -8.34
CA LEU B 318 4.27 9.73 -8.42
C LEU B 318 3.69 9.69 -9.86
N PRO B 319 2.50 9.04 -10.02
CA PRO B 319 1.79 8.97 -11.29
C PRO B 319 1.46 10.37 -11.79
N GLY B 320 1.21 10.47 -13.08
CA GLY B 320 0.89 11.73 -13.70
C GLY B 320 -0.53 12.20 -13.47
N TYR B 321 -0.83 13.33 -14.11
CA TYR B 321 -2.07 14.07 -14.01
C TYR B 321 -3.35 13.22 -14.16
N ASN B 322 -3.46 12.52 -15.30
CA ASN B 322 -4.61 11.69 -15.63
C ASN B 322 -4.79 10.50 -14.70
N ALA B 323 -3.71 9.93 -14.21
CA ALA B 323 -3.85 8.81 -13.29
C ALA B 323 -4.50 9.30 -11.98
N TRP B 324 -4.13 10.51 -11.57
CA TRP B 324 -4.73 11.10 -10.37
C TRP B 324 -6.18 11.56 -10.60
N ARG B 325 -6.49 12.06 -11.83
CA ARG B 325 -7.88 12.43 -12.20
C ARG B 325 -8.76 11.16 -12.10
N ARG B 326 -8.24 10.06 -12.61
CA ARG B 326 -8.92 8.77 -12.60
C ARG B 326 -9.15 8.26 -11.17
N PHE B 327 -8.11 8.35 -10.36
CA PHE B 327 -8.18 7.99 -8.95
C PHE B 327 -9.35 8.72 -8.28
N CYS B 328 -9.48 9.99 -8.62
CA CYS B 328 -10.52 10.87 -8.10
C CYS B 328 -11.88 10.78 -8.84
N GLY B 329 -12.02 9.85 -9.80
CA GLY B 329 -13.27 9.74 -10.55
C GLY B 329 -13.57 10.97 -11.42
N LEU B 330 -12.53 11.66 -11.87
CA LEU B 330 -12.67 12.82 -12.77
C LEU B 330 -12.25 12.45 -14.18
N PRO B 331 -12.90 13.02 -15.22
CA PRO B 331 -12.57 12.75 -16.64
C PRO B 331 -11.09 13.01 -16.95
N GLN B 332 -10.51 12.12 -17.75
CA GLN B 332 -9.08 12.18 -18.07
C GLN B 332 -8.88 12.71 -19.48
N PRO B 333 -8.53 13.98 -19.65
CA PRO B 333 -8.30 14.54 -20.98
C PRO B 333 -7.11 13.85 -21.67
N GLU B 334 -7.31 13.34 -22.90
CA GLU B 334 -6.25 12.65 -23.64
C GLU B 334 -5.66 13.48 -24.75
N THR B 335 -6.34 14.55 -25.16
CA THR B 335 -5.85 15.39 -26.27
C THR B 335 -5.75 16.84 -25.82
N VAL B 336 -5.15 17.71 -26.66
CA VAL B 336 -5.03 19.13 -26.30
C VAL B 336 -6.42 19.77 -26.15
N GLY B 337 -7.31 19.41 -27.09
CA GLY B 337 -8.67 19.90 -27.10
C GLY B 337 -9.37 19.50 -25.82
N GLN B 338 -9.24 18.24 -25.43
CA GLN B 338 -9.89 17.77 -24.20
C GLN B 338 -9.31 18.45 -22.94
N LEU B 339 -7.97 18.67 -22.95
CA LEU B 339 -7.31 19.35 -21.83
C LEU B 339 -7.77 20.79 -21.80
N GLY B 340 -7.92 21.39 -23.01
CA GLY B 340 -8.41 22.75 -23.12
C GLY B 340 -9.78 22.89 -22.47
N THR B 341 -10.61 21.85 -22.64
CA THR B 341 -11.95 21.85 -22.07
C THR B 341 -11.91 21.79 -20.54
N VAL B 342 -11.11 20.86 -20.02
CA VAL B 342 -11.00 20.67 -18.56
C VAL B 342 -10.44 21.91 -17.88
N LEU B 343 -9.41 22.51 -18.51
CA LEU B 343 -8.77 23.70 -17.94
C LEU B 343 -9.52 24.99 -18.24
N ARG B 344 -10.54 24.94 -19.11
CA ARG B 344 -11.25 26.12 -19.58
C ARG B 344 -10.24 27.16 -20.12
N ASN B 345 -9.23 26.65 -20.81
CA ASN B 345 -8.14 27.46 -21.31
C ASN B 345 -7.34 26.65 -22.28
N LEU B 346 -7.60 26.86 -23.58
CA LEU B 346 -6.92 26.10 -24.61
C LEU B 346 -5.45 26.50 -24.74
N LYS B 347 -5.15 27.77 -24.46
CA LYS B 347 -3.77 28.26 -24.56
C LYS B 347 -2.89 27.54 -23.56
N LEU B 348 -3.34 27.48 -22.30
CA LEU B 348 -2.61 26.78 -21.26
C LEU B 348 -2.42 25.33 -21.62
N ALA B 349 -3.50 24.73 -22.14
CA ALA B 349 -3.46 23.31 -22.52
C ALA B 349 -2.40 23.09 -23.62
N ARG B 350 -2.33 24.04 -24.58
CA ARG B 350 -1.35 23.96 -25.62
C ARG B 350 0.04 24.02 -25.01
N LYS B 351 0.27 25.00 -24.14
CA LYS B 351 1.55 25.15 -23.44
C LYS B 351 1.92 23.86 -22.72
N LEU B 352 1.00 23.28 -21.98
CA LEU B 352 1.25 22.04 -21.27
C LEU B 352 1.66 20.93 -22.20
N MET B 353 0.98 20.82 -23.33
CA MET B 353 1.28 19.75 -24.26
C MET B 353 2.62 19.92 -24.99
N GLU B 354 3.05 21.14 -25.20
CA GLU B 354 4.33 21.34 -25.86
C GLU B 354 5.45 20.87 -24.97
N GLN B 355 5.27 21.00 -23.65
CA GLN B 355 6.24 20.52 -22.69
C GLN B 355 6.13 19.03 -22.44
N TYR B 356 4.91 18.54 -22.22
CA TYR B 356 4.73 17.14 -21.78
C TYR B 356 4.33 16.14 -22.86
N GLY B 357 3.81 16.61 -23.98
CA GLY B 357 3.43 15.69 -25.05
C GLY B 357 2.07 15.02 -24.83
N THR B 358 1.85 14.50 -23.62
CA THR B 358 0.56 13.87 -23.27
C THR B 358 0.12 14.35 -21.91
N PRO B 359 -1.21 14.49 -21.66
CA PRO B 359 -1.72 14.93 -20.35
C PRO B 359 -1.43 13.86 -19.29
N ASN B 360 -1.14 12.63 -19.73
CA ASN B 360 -0.76 11.54 -18.79
C ASN B 360 0.58 11.81 -18.04
N ASN B 361 1.45 12.65 -18.64
CA ASN B 361 2.78 12.93 -18.09
C ASN B 361 2.87 14.24 -17.34
N ILE B 362 1.81 15.06 -17.35
CA ILE B 362 1.88 16.30 -16.58
C ILE B 362 2.07 15.94 -15.08
N ASP B 363 3.09 16.55 -14.45
CA ASP B 363 3.37 16.32 -13.00
C ASP B 363 2.16 16.81 -12.15
N ILE B 364 1.88 16.07 -11.09
CA ILE B 364 0.71 16.33 -10.26
C ILE B 364 0.61 17.77 -9.79
N TRP B 365 1.71 18.38 -9.27
CA TRP B 365 1.59 19.78 -8.84
C TRP B 365 1.20 20.69 -10.00
N MET B 366 1.88 20.52 -11.13
CA MET B 366 1.67 21.38 -12.29
C MET B 366 0.22 21.27 -12.79
N GLY B 367 -0.23 20.04 -13.04
CA GLY B 367 -1.61 19.84 -13.47
C GLY B 367 -2.59 20.36 -12.43
N GLY B 368 -2.34 20.03 -11.15
CA GLY B 368 -3.20 20.44 -10.05
C GLY B 368 -3.37 21.95 -10.00
N VAL B 369 -2.27 22.73 -10.01
CA VAL B 369 -2.43 24.18 -9.91
C VAL B 369 -2.88 24.84 -11.19
N SER B 370 -2.83 24.11 -12.30
CA SER B 370 -3.30 24.65 -13.61
C SER B 370 -4.82 24.71 -13.71
N GLU B 371 -5.49 23.77 -13.00
CA GLU B 371 -6.94 23.67 -13.06
C GLU B 371 -7.62 24.92 -12.52
N PRO B 372 -8.73 25.34 -13.18
CA PRO B 372 -9.49 26.49 -12.74
C PRO B 372 -10.04 26.26 -11.29
N LEU B 373 -9.96 27.29 -10.46
CA LEU B 373 -10.32 27.16 -9.05
C LEU B 373 -11.82 26.93 -8.84
N LYS B 374 -12.17 26.08 -7.90
CA LYS B 374 -13.58 25.87 -7.58
C LYS B 374 -14.19 27.14 -6.96
N ARG B 375 -15.50 27.31 -7.14
CA ARG B 375 -16.23 28.47 -6.61
C ARG B 375 -16.04 28.61 -5.07
N LYS B 376 -15.48 29.78 -4.67
CA LYS B 376 -15.18 30.13 -3.27
C LYS B 376 -14.10 29.20 -2.63
N GLY B 377 -13.38 28.47 -3.52
CA GLY B 377 -12.25 27.65 -3.15
C GLY B 377 -10.97 28.20 -3.79
N ARG B 378 -9.82 27.67 -3.41
CA ARG B 378 -8.59 28.18 -4.01
C ARG B 378 -7.79 27.04 -4.67
N VAL B 379 -8.48 25.93 -4.94
CA VAL B 379 -7.93 24.81 -5.69
C VAL B 379 -8.97 24.31 -6.66
N GLY B 380 -8.53 23.63 -7.69
CA GLY B 380 -9.45 23.03 -8.64
C GLY B 380 -9.95 21.66 -8.15
N PRO B 381 -10.73 20.92 -9.00
CA PRO B 381 -11.29 19.59 -8.64
C PRO B 381 -10.24 18.54 -8.23
N LEU B 382 -9.14 18.44 -8.97
CA LEU B 382 -8.12 17.44 -8.66
C LEU B 382 -7.48 17.66 -7.29
N LEU B 383 -7.01 18.87 -7.03
CA LEU B 383 -6.42 19.14 -5.76
C LEU B 383 -7.46 19.04 -4.64
N ALA B 384 -8.71 19.44 -4.93
CA ALA B 384 -9.80 19.34 -3.95
C ALA B 384 -9.98 17.89 -3.50
N CYS B 385 -9.99 16.99 -4.47
CA CYS B 385 -10.15 15.57 -4.20
C CYS B 385 -9.03 15.04 -3.33
N ILE B 386 -7.81 15.31 -3.72
CA ILE B 386 -6.65 14.85 -2.99
C ILE B 386 -6.54 15.47 -1.58
N ILE B 387 -6.75 16.77 -1.47
CA ILE B 387 -6.65 17.46 -0.18
C ILE B 387 -7.82 17.14 0.73
N GLY B 388 -9.01 17.17 0.17
CA GLY B 388 -10.19 16.82 0.95
C GLY B 388 -10.18 15.37 1.42
N THR B 389 -9.65 14.46 0.58
CA THR B 389 -9.56 13.04 0.93
C THR B 389 -8.57 12.82 2.07
N GLN B 390 -7.46 13.54 2.02
CA GLN B 390 -6.46 13.44 3.06
C GLN B 390 -6.95 13.96 4.42
N PHE B 391 -7.59 15.15 4.42
CA PHE B 391 -8.02 15.73 5.69
C PHE B 391 -9.16 14.92 6.31
N ARG B 392 -9.97 14.25 5.49
CA ARG B 392 -11.05 13.42 6.08
C ARG B 392 -10.46 12.25 6.85
N LYS B 393 -9.43 11.63 6.27
CA LYS B 393 -8.79 10.52 6.91
C LYS B 393 -8.03 10.96 8.16
N LEU B 394 -7.55 12.22 8.18
CA LEU B 394 -6.87 12.73 9.38
C LEU B 394 -7.90 13.03 10.52
N ARG B 395 -9.11 13.47 10.15
CA ARG B 395 -10.14 13.71 11.13
C ARG B 395 -10.74 12.39 11.61
N ASP B 396 -11.22 11.59 10.64
CA ASP B 396 -11.95 10.37 10.95
C ASP B 396 -11.10 9.28 11.58
N GLY B 397 -9.80 9.25 11.21
CA GLY B 397 -8.89 8.25 11.69
C GLY B 397 -8.06 8.68 12.91
N ASP B 398 -8.50 9.71 13.63
CA ASP B 398 -7.78 10.21 14.79
C ASP B 398 -8.51 9.90 16.08
N ARG B 399 -7.95 9.01 16.90
CA ARG B 399 -8.57 8.65 18.15
C ARG B 399 -8.60 9.84 19.13
N PHE B 400 -7.70 10.83 18.88
CA PHE B 400 -7.65 12.02 19.69
C PHE B 400 -8.26 13.26 19.02
N TRP B 401 -9.11 13.05 18.01
CA TRP B 401 -9.85 14.18 17.40
C TRP B 401 -10.62 14.93 18.50
N TRP B 402 -10.62 16.27 18.45
CA TRP B 402 -11.19 17.09 19.53
C TRP B 402 -12.66 16.77 19.82
N GLU B 403 -13.42 16.42 18.77
CA GLU B 403 -14.82 16.10 18.91
C GLU B 403 -15.10 14.64 19.18
N ASN B 404 -14.08 13.81 19.20
CA ASN B 404 -14.33 12.41 19.49
C ASN B 404 -14.81 12.21 20.95
N GLU B 405 -15.86 11.41 21.10
CA GLU B 405 -16.41 11.10 22.42
C GLU B 405 -15.31 10.58 23.35
N GLY B 406 -15.25 11.14 24.55
CA GLY B 406 -14.25 10.69 25.51
C GLY B 406 -12.95 11.51 25.52
N VAL B 407 -12.71 12.37 24.54
CA VAL B 407 -11.47 13.16 24.54
C VAL B 407 -11.62 14.43 25.42
N PHE B 408 -12.64 15.20 25.16
CA PHE B 408 -13.00 16.36 25.96
C PHE B 408 -14.42 16.18 26.46
N SER B 409 -14.77 16.89 27.52
CA SER B 409 -16.15 16.89 27.99
C SER B 409 -17.00 17.77 27.07
N MET B 410 -18.31 17.64 27.20
CA MET B 410 -19.26 18.46 26.45
C MET B 410 -19.01 19.94 26.74
N GLN B 411 -18.87 20.29 28.04
CA GLN B 411 -18.62 21.68 28.43
C GLN B 411 -17.27 22.16 27.89
N GLN B 412 -16.30 21.26 27.83
CA GLN B 412 -15.03 21.62 27.26
C GLN B 412 -15.17 21.88 25.77
N ARG B 413 -15.93 21.03 25.08
CA ARG B 413 -16.16 21.19 23.65
C ARG B 413 -16.84 22.50 23.34
N GLN B 414 -17.83 22.87 24.15
CA GLN B 414 -18.53 24.13 23.93
C GLN B 414 -17.58 25.35 24.12
N ALA B 415 -16.65 25.24 25.06
CA ALA B 415 -15.69 26.30 25.29
C ALA B 415 -14.71 26.40 24.12
N LEU B 416 -14.22 25.24 23.68
CA LEU B 416 -13.26 25.17 22.56
C LEU B 416 -13.85 25.69 21.23
N ALA B 417 -15.18 25.53 21.05
CA ALA B 417 -15.87 25.97 19.83
C ALA B 417 -15.81 27.51 19.65
N GLN B 418 -15.59 28.21 20.74
CA GLN B 418 -15.50 29.65 20.71
C GLN B 418 -14.09 30.17 20.36
N ILE B 419 -13.08 29.29 20.31
CA ILE B 419 -11.73 29.76 20.05
C ILE B 419 -11.62 30.36 18.65
N SER B 420 -10.70 31.28 18.49
CA SER B 420 -10.42 31.87 17.16
C SER B 420 -8.96 32.34 17.10
N LEU B 421 -8.38 32.31 15.90
CA LEU B 421 -6.99 32.77 15.71
C LEU B 421 -6.84 34.24 16.11
N PRO B 422 -7.77 35.11 15.72
CA PRO B 422 -7.70 36.50 16.12
C PRO B 422 -7.57 36.68 17.67
N ARG B 423 -8.38 35.93 18.47
CA ARG B 423 -8.28 36.02 19.96
C ARG B 423 -6.96 35.49 20.49
N ILE B 424 -6.51 34.36 19.97
CA ILE B 424 -5.18 33.81 20.28
C ILE B 424 -4.06 34.88 20.02
N ILE B 425 -4.15 35.63 18.91
CA ILE B 425 -3.17 36.70 18.65
C ILE B 425 -3.29 37.77 19.75
N CYS B 426 -4.55 38.13 20.07
CA CYS B 426 -4.82 39.09 21.15
C CYS B 426 -4.20 38.61 22.47
N ASP B 427 -4.25 37.32 22.72
CA ASP B 427 -3.77 36.76 23.98
C ASP B 427 -2.26 36.70 24.14
N ASN B 428 -1.51 36.78 23.00
CA ASN B 428 -0.06 36.50 23.07
C ASN B 428 0.83 37.57 22.41
N THR B 429 0.27 38.72 22.08
CA THR B 429 1.02 39.79 21.41
C THR B 429 0.59 41.17 21.90
N GLY B 430 1.33 42.21 21.46
CA GLY B 430 1.00 43.59 21.76
C GLY B 430 -0.03 44.18 20.77
N ILE B 431 -0.56 43.34 19.86
CA ILE B 431 -1.59 43.79 18.90
C ILE B 431 -2.98 43.81 19.59
N THR B 432 -3.66 44.98 19.52
CA THR B 432 -4.95 45.19 20.15
C THR B 432 -6.10 45.34 19.14
N THR B 433 -5.77 45.24 17.86
CA THR B 433 -6.71 45.30 16.74
C THR B 433 -6.37 44.14 15.79
N VAL B 434 -7.37 43.27 15.58
CA VAL B 434 -7.17 42.05 14.80
C VAL B 434 -8.28 41.91 13.77
N SER B 435 -8.12 40.94 12.86
CA SER B 435 -9.10 40.66 11.81
C SER B 435 -10.47 40.16 12.37
N LYS B 436 -11.55 40.57 11.67
CA LYS B 436 -12.89 40.04 11.85
C LYS B 436 -12.89 38.57 11.41
N ASN B 437 -13.74 37.76 11.99
CA ASN B 437 -13.84 36.40 11.51
C ASN B 437 -14.54 36.48 10.14
N ASN B 438 -14.09 35.68 9.12
CA ASN B 438 -12.99 34.70 9.15
C ASN B 438 -11.62 35.36 8.86
N ILE B 439 -10.62 35.05 9.67
CA ILE B 439 -9.30 35.67 9.52
C ILE B 439 -8.66 35.38 8.16
N PHE B 440 -8.96 34.23 7.58
CA PHE B 440 -8.35 33.87 6.32
C PHE B 440 -8.93 34.64 5.11
N MET B 441 -10.09 35.29 5.33
CA MET B 441 -10.79 36.07 4.29
C MET B 441 -10.49 37.55 4.45
N SER B 442 -10.79 38.08 5.65
CA SER B 442 -10.50 39.48 6.03
C SER B 442 -9.08 39.85 5.63
N ASN B 443 -8.89 41.00 5.00
CA ASN B 443 -7.54 41.33 4.57
C ASN B 443 -7.33 42.84 4.37
N SER B 444 -8.29 43.63 4.79
CA SER B 444 -8.26 45.05 4.54
C SER B 444 -8.50 45.88 5.79
N TYR B 445 -7.46 46.61 6.22
CA TYR B 445 -7.56 47.50 7.37
C TYR B 445 -8.01 48.89 6.90
N PRO B 446 -8.94 49.56 7.62
CA PRO B 446 -9.54 49.07 8.87
C PRO B 446 -10.84 48.28 8.71
N ARG B 447 -11.39 48.26 7.48
CA ARG B 447 -12.67 47.61 7.15
C ARG B 447 -12.87 46.21 7.79
N ASP B 448 -11.89 45.34 7.67
CA ASP B 448 -12.02 43.97 8.12
C ASP B 448 -11.51 43.75 9.55
N PHE B 449 -11.43 44.81 10.35
CA PHE B 449 -10.83 44.66 11.65
C PHE B 449 -11.71 45.18 12.80
N VAL B 450 -11.45 44.65 14.01
CA VAL B 450 -12.14 45.05 15.25
C VAL B 450 -11.17 45.02 16.43
N ASN B 451 -11.56 45.65 17.54
CA ASN B 451 -10.76 45.70 18.75
C ASN B 451 -10.78 44.36 19.46
N CYS B 452 -9.61 43.98 19.96
CA CYS B 452 -9.46 42.76 20.70
C CYS B 452 -10.49 42.70 21.84
N SER B 453 -10.78 43.86 22.41
CA SER B 453 -11.68 44.01 23.56
C SER B 453 -13.11 43.46 23.34
N THR B 454 -13.52 43.38 22.06
CA THR B 454 -14.86 42.87 21.67
C THR B 454 -14.89 41.33 21.51
N LEU B 455 -13.78 40.70 21.71
CA LEU B 455 -13.67 39.26 21.58
C LEU B 455 -13.57 38.61 22.96
N PRO B 456 -14.45 37.70 23.31
CA PRO B 456 -14.41 37.03 24.62
C PRO B 456 -13.21 36.11 24.79
N ALA B 457 -12.65 36.10 26.00
CA ALA B 457 -11.55 35.19 26.28
C ALA B 457 -12.05 33.74 26.32
N LEU B 458 -11.13 32.80 26.12
CA LEU B 458 -11.41 31.37 26.27
C LEU B 458 -11.86 31.10 27.72
N ASN B 459 -13.01 30.44 27.90
CA ASN B 459 -13.52 30.12 29.21
C ASN B 459 -12.96 28.78 29.64
N LEU B 460 -12.04 28.79 30.61
CA LEU B 460 -11.41 27.55 31.05
C LEU B 460 -12.09 26.88 32.26
N ALA B 461 -13.21 27.45 32.70
CA ALA B 461 -13.97 26.94 33.84
C ALA B 461 -14.11 25.41 33.86
N SER B 462 -14.47 24.80 32.73
CA SER B 462 -14.68 23.36 32.71
C SER B 462 -13.40 22.52 32.77
N TRP B 463 -12.23 23.14 32.81
CA TRP B 463 -10.99 22.37 33.01
C TRP B 463 -10.66 22.27 34.51
N ARG B 464 -11.50 22.88 35.34
CA ARG B 464 -11.33 22.80 36.79
C ARG B 464 -11.62 21.38 37.30
N GLU B 465 -10.62 20.74 37.90
CA GLU B 465 -10.80 19.42 38.45
C GLU B 465 -11.60 19.53 39.76
N ALA B 466 -12.83 19.02 39.77
CA ALA B 466 -13.66 19.09 40.96
C ALA B 466 -13.28 17.99 41.96
N CYS C 1 11.21 -0.79 -20.11
CA CYS C 1 10.28 -1.67 -20.89
C CYS C 1 10.28 -1.37 -22.37
N PRO C 2 10.49 -2.42 -23.22
CA PRO C 2 10.47 -2.29 -24.69
C PRO C 2 9.19 -1.56 -25.16
N GLU C 3 9.37 -0.55 -25.99
CA GLU C 3 8.24 0.21 -26.54
C GLU C 3 7.16 -0.73 -27.07
N GLN C 4 7.61 -1.87 -27.60
CA GLN C 4 6.77 -2.91 -28.20
C GLN C 4 7.35 -4.29 -27.88
N ASP C 5 6.45 -5.25 -27.68
CA ASP C 5 6.82 -6.63 -27.44
C ASP C 5 5.87 -7.57 -28.19
N LYS C 6 5.92 -8.85 -27.87
CA LYS C 6 5.14 -9.85 -28.57
C LYS C 6 4.54 -10.83 -27.59
N TYR C 7 5.27 -11.08 -26.51
CA TYR C 7 4.88 -12.08 -25.52
C TYR C 7 5.15 -11.59 -24.12
N ARG C 8 4.61 -12.32 -23.13
CA ARG C 8 4.92 -12.03 -21.72
C ARG C 8 6.40 -12.24 -21.43
N THR C 9 6.95 -11.41 -20.58
CA THR C 9 8.26 -11.69 -20.05
C THR C 9 8.07 -12.84 -19.09
N ILE C 10 9.14 -13.54 -18.80
CA ILE C 10 9.06 -14.65 -17.87
C ILE C 10 8.80 -14.16 -16.43
N THR C 11 9.30 -12.97 -16.09
CA THR C 11 9.14 -12.45 -14.72
C THR C 11 7.86 -11.62 -14.54
N GLY C 12 7.17 -11.26 -15.61
CA GLY C 12 5.97 -10.45 -15.48
C GLY C 12 6.28 -8.96 -15.56
N MET C 13 7.56 -8.64 -15.50
CA MET C 13 7.99 -7.27 -15.63
C MET C 13 7.40 -6.69 -16.91
N CYS C 14 7.04 -5.40 -16.88
CA CYS C 14 6.55 -4.71 -18.06
C CYS C 14 5.16 -5.11 -18.53
N ASN C 15 4.47 -6.00 -17.78
CA ASN C 15 3.08 -6.26 -18.10
C ASN C 15 2.35 -4.94 -17.92
N ASN C 16 2.53 -4.31 -16.76
CA ASN C 16 2.03 -2.96 -16.59
C ASN C 16 3.15 -1.99 -17.00
N ARG C 17 2.92 -1.13 -17.97
CA ARG C 17 3.99 -0.26 -18.44
C ARG C 17 4.26 0.95 -17.56
N ARG C 18 3.22 1.58 -17.05
CA ARG C 18 3.40 2.70 -16.16
C ARG C 18 4.04 2.28 -14.82
N SER C 19 3.76 1.06 -14.35
CA SER C 19 4.36 0.55 -13.11
C SER C 19 4.80 -0.89 -13.37
N PRO C 20 5.99 -0.99 -14.01
CA PRO C 20 6.66 -2.25 -14.48
C PRO C 20 6.85 -3.43 -13.56
N THR C 21 6.84 -3.28 -12.24
CA THR C 21 7.05 -4.47 -11.36
C THR C 21 5.71 -5.08 -10.90
N LEU C 22 4.60 -4.42 -11.18
CA LEU C 22 3.31 -4.91 -10.73
C LEU C 22 2.96 -6.27 -11.34
N GLY C 23 2.86 -7.28 -10.46
CA GLY C 23 2.54 -8.62 -10.91
C GLY C 23 3.77 -9.44 -11.23
N ALA C 24 4.93 -8.77 -11.22
CA ALA C 24 6.20 -9.40 -11.48
C ALA C 24 6.68 -10.14 -10.25
N SER C 25 7.54 -11.12 -10.49
CA SER C 25 8.12 -11.98 -9.48
C SER C 25 9.11 -11.27 -8.54
N ASN C 26 9.22 -11.84 -7.34
CA ASN C 26 10.12 -11.37 -6.27
C ASN C 26 9.84 -9.94 -5.85
N ARG C 27 8.55 -9.67 -5.62
CA ARG C 27 8.11 -8.36 -5.19
C ARG C 27 7.22 -8.53 -3.99
N ALA C 28 7.11 -7.51 -3.17
CA ALA C 28 6.27 -7.58 -1.99
C ALA C 28 4.79 -7.62 -2.37
N PHE C 29 4.01 -8.40 -1.63
CA PHE C 29 2.54 -8.41 -1.86
C PHE C 29 1.98 -7.02 -1.65
N VAL C 30 0.85 -6.71 -2.26
CA VAL C 30 0.17 -5.44 -1.95
C VAL C 30 -0.65 -5.62 -0.66
N ARG C 31 -0.77 -4.57 0.14
CA ARG C 31 -1.61 -4.63 1.36
C ARG C 31 -2.99 -4.04 1.11
N TRP C 32 -4.03 -4.88 1.20
CA TRP C 32 -5.40 -4.37 1.08
C TRP C 32 -5.83 -3.70 2.39
N LEU C 33 -5.26 -4.16 3.50
CA LEU C 33 -5.44 -3.48 4.78
C LEU C 33 -4.07 -3.36 5.47
N PRO C 34 -3.89 -2.32 6.30
CA PRO C 34 -2.64 -2.12 7.07
C PRO C 34 -2.37 -3.36 7.96
N ALA C 35 -1.11 -3.81 8.00
CA ALA C 35 -0.73 -4.96 8.79
C ALA C 35 -0.93 -4.75 10.29
N GLU C 36 -1.18 -5.88 10.96
CA GLU C 36 -1.45 -5.95 12.37
C GLU C 36 -0.45 -6.89 13.08
N TYR C 37 0.62 -6.29 13.59
CA TYR C 37 1.66 -7.00 14.30
C TYR C 37 1.61 -6.63 15.77
N GLU C 38 2.11 -7.55 16.59
CA GLU C 38 2.15 -7.41 18.03
C GLU C 38 2.83 -6.10 18.50
N ASP C 39 3.94 -5.74 17.85
CA ASP C 39 4.65 -4.52 18.21
C ASP C 39 4.30 -3.38 17.27
N GLY C 40 3.45 -3.66 16.29
CA GLY C 40 3.03 -2.63 15.36
C GLY C 40 3.76 -2.68 14.00
N PHE C 41 4.86 -3.43 13.90
CA PHE C 41 5.61 -3.38 12.63
C PHE C 41 6.33 -4.66 12.23
N SER C 42 6.45 -5.66 13.13
CA SER C 42 7.26 -6.86 12.77
C SER C 42 6.98 -8.15 13.54
N LEU C 43 6.73 -8.05 14.87
CA LEU C 43 6.47 -9.24 15.70
C LEU C 43 5.05 -9.76 15.53
N PRO C 44 4.90 -11.06 15.27
CA PRO C 44 3.59 -11.71 15.08
C PRO C 44 2.82 -11.90 16.38
N TYR C 45 1.51 -11.76 16.31
CA TYR C 45 0.67 -12.01 17.46
C TYR C 45 0.94 -13.42 17.94
N GLY C 46 1.14 -13.53 19.26
CA GLY C 46 1.45 -14.82 19.86
C GLY C 46 2.92 -14.98 20.10
N TRP C 47 3.72 -13.97 19.73
CA TRP C 47 5.19 -14.01 19.91
C TRP C 47 5.63 -13.76 21.35
N THR C 48 5.08 -12.73 21.98
CA THR C 48 5.51 -12.34 23.32
C THR C 48 4.52 -12.79 24.36
N PRO C 49 4.97 -13.68 25.27
CA PRO C 49 4.13 -14.23 26.36
C PRO C 49 3.37 -13.13 27.14
N GLY C 50 2.08 -13.37 27.40
CA GLY C 50 1.23 -12.40 28.12
C GLY C 50 0.68 -11.24 27.28
N VAL C 51 1.25 -11.01 26.10
CA VAL C 51 0.81 -9.91 25.26
C VAL C 51 -0.44 -10.30 24.45
N LYS C 52 -1.53 -9.65 24.80
CA LYS C 52 -2.84 -9.89 24.21
C LYS C 52 -3.02 -9.15 22.90
N ARG C 53 -4.04 -9.59 22.15
CA ARG C 53 -4.47 -8.96 20.91
C ARG C 53 -5.87 -8.39 21.12
N ASN C 54 -6.04 -7.09 20.85
CA ASN C 54 -7.36 -6.43 20.95
C ASN C 54 -8.07 -6.75 22.28
N GLY C 55 -7.32 -6.81 23.38
CA GLY C 55 -7.92 -7.08 24.69
C GLY C 55 -8.05 -8.56 25.07
N PHE C 56 -7.64 -9.46 24.20
CA PHE C 56 -7.81 -10.86 24.51
C PHE C 56 -6.57 -11.67 24.26
N PRO C 57 -6.41 -12.78 25.01
CA PRO C 57 -5.28 -13.69 24.87
C PRO C 57 -5.27 -14.30 23.48
N VAL C 58 -4.09 -14.35 22.89
CA VAL C 58 -3.92 -14.99 21.59
C VAL C 58 -4.07 -16.52 21.77
N ALA C 59 -4.93 -17.14 20.97
CA ALA C 59 -5.13 -18.58 21.08
C ALA C 59 -4.07 -19.31 20.30
N LEU C 60 -3.53 -20.37 20.86
CA LEU C 60 -2.56 -21.22 20.15
C LEU C 60 -3.21 -21.76 18.88
N ALA C 61 -2.54 -21.59 17.74
CA ALA C 61 -3.07 -22.04 16.44
C ALA C 61 -3.45 -23.52 16.49
N ARG C 62 -2.60 -24.32 17.15
CA ARG C 62 -2.82 -25.76 17.33
C ARG C 62 -4.07 -26.01 18.19
N ALA C 63 -4.25 -25.17 19.24
CA ALA C 63 -5.45 -25.24 20.08
C ALA C 63 -6.75 -24.98 19.26
N VAL C 64 -6.75 -23.92 18.41
CA VAL C 64 -7.93 -23.64 17.57
C VAL C 64 -8.21 -24.84 16.64
N SER C 65 -7.14 -25.42 16.08
CA SER C 65 -7.24 -26.57 15.16
C SER C 65 -7.80 -27.82 15.85
N ASN C 66 -7.34 -28.04 17.10
CA ASN C 66 -7.81 -29.15 17.94
C ASN C 66 -9.29 -29.01 18.28
N GLU C 67 -9.70 -27.78 18.62
CA GLU C 67 -11.06 -27.52 19.10
C GLU C 67 -12.10 -27.26 18.02
N ILE C 68 -11.67 -26.82 16.86
CA ILE C 68 -12.62 -26.45 15.83
C ILE C 68 -12.45 -27.24 14.54
N VAL C 69 -11.22 -27.54 14.17
CA VAL C 69 -11.00 -28.16 12.87
C VAL C 69 -11.08 -29.68 12.91
N ARG C 70 -10.48 -30.27 13.96
CA ARG C 70 -10.44 -31.72 14.12
C ARG C 70 -11.84 -32.34 14.05
N PHE C 71 -11.96 -33.41 13.29
CA PHE C 71 -13.22 -34.16 13.22
C PHE C 71 -12.94 -35.63 12.86
N PRO C 72 -13.81 -36.57 13.32
CA PRO C 72 -13.65 -38.01 13.02
C PRO C 72 -13.84 -38.25 11.52
N THR C 73 -12.83 -38.79 10.84
CA THR C 73 -12.89 -38.98 9.38
C THR C 73 -14.16 -39.72 8.91
N ASP C 74 -14.65 -40.66 9.74
CA ASP C 74 -15.83 -41.45 9.39
C ASP C 74 -17.04 -40.58 9.07
N GLN C 75 -17.05 -39.33 9.59
CA GLN C 75 -18.15 -38.36 9.35
C GLN C 75 -17.97 -37.58 8.02
N LEU C 76 -16.88 -37.86 7.29
CA LEU C 76 -16.57 -37.13 6.06
C LEU C 76 -17.71 -37.17 5.06
N THR C 77 -18.03 -35.99 4.53
CA THR C 77 -19.10 -35.84 3.56
C THR C 77 -18.55 -35.68 2.14
N PRO C 78 -18.72 -36.72 1.28
CA PRO C 78 -18.30 -36.65 -0.12
C PRO C 78 -19.13 -35.56 -0.82
N ASP C 79 -18.47 -34.67 -1.56
CA ASP C 79 -19.19 -33.62 -2.32
C ASP C 79 -19.80 -34.22 -3.61
N GLN C 80 -21.13 -34.33 -3.61
CA GLN C 80 -21.87 -34.90 -4.70
C GLN C 80 -21.75 -34.08 -5.96
N GLU C 81 -21.35 -32.79 -5.84
CA GLU C 81 -21.29 -31.92 -7.01
C GLU C 81 -19.88 -31.42 -7.37
N ARG C 82 -18.84 -32.01 -6.80
CA ARG C 82 -17.49 -31.63 -7.19
C ARG C 82 -16.57 -32.84 -7.26
N SER C 83 -15.66 -32.79 -8.22
CA SER C 83 -14.65 -33.82 -8.35
C SER C 83 -13.40 -33.41 -7.59
N LEU C 84 -12.57 -34.39 -7.27
CA LEU C 84 -11.31 -34.16 -6.58
C LEU C 84 -10.42 -33.26 -7.44
N MET C 85 -10.70 -33.27 -8.74
CA MET C 85 -10.02 -32.43 -9.70
C MET C 85 -10.31 -30.95 -9.39
N PHE C 86 -11.45 -30.69 -8.72
CA PHE C 86 -11.79 -29.33 -8.25
C PHE C 86 -10.79 -28.86 -7.19
N MET C 87 -10.40 -29.78 -6.31
CA MET C 87 -9.36 -29.50 -5.34
C MET C 87 -8.01 -29.30 -6.05
N GLN C 88 -7.62 -30.27 -6.87
CA GLN C 88 -6.32 -30.24 -7.50
C GLN C 88 -6.07 -29.04 -8.45
N TRP C 89 -7.09 -28.61 -9.24
CA TRP C 89 -6.90 -27.43 -10.11
C TRP C 89 -6.59 -26.24 -9.23
N GLY C 90 -7.32 -26.17 -8.08
CA GLY C 90 -7.12 -25.12 -7.09
C GLY C 90 -5.66 -25.00 -6.65
N GLN C 91 -5.06 -26.11 -6.23
CA GLN C 91 -3.68 -26.12 -5.83
C GLN C 91 -2.72 -25.76 -6.98
N LEU C 92 -3.01 -26.27 -8.17
CA LEU C 92 -2.19 -25.98 -9.34
C LEU C 92 -2.24 -24.49 -9.69
N LEU C 93 -3.45 -23.95 -9.59
CA LEU C 93 -3.70 -22.56 -9.89
C LEU C 93 -3.06 -21.64 -8.86
N ASP C 94 -3.18 -22.00 -7.56
CA ASP C 94 -2.51 -21.25 -6.50
C ASP C 94 -1.00 -21.14 -6.83
N HIS C 95 -0.44 -22.23 -7.35
CA HIS C 95 0.98 -22.30 -7.69
C HIS C 95 1.35 -21.54 -9.00
N ASP C 96 0.35 -20.97 -9.69
CA ASP C 96 0.56 -20.04 -10.80
C ASP C 96 0.51 -18.61 -10.22
N LEU C 97 -0.08 -18.47 -9.03
CA LEU C 97 -0.34 -17.15 -8.43
C LEU C 97 0.64 -16.73 -7.31
N ASP C 98 0.91 -17.60 -6.32
CA ASP C 98 1.79 -17.16 -5.22
C ASP C 98 2.61 -18.24 -4.55
N PHE C 99 3.81 -17.83 -4.20
CA PHE C 99 4.75 -18.62 -3.43
C PHE C 99 5.49 -17.67 -2.52
N THR C 100 5.36 -17.90 -1.23
CA THR C 100 5.98 -17.02 -0.23
C THR C 100 7.25 -17.62 0.34
N PRO C 101 8.46 -17.17 -0.13
CA PRO C 101 9.74 -17.69 0.35
C PRO C 101 9.94 -17.54 1.85
N GLU C 102 10.66 -18.54 2.38
CA GLU C 102 11.12 -18.65 3.77
C GLU C 102 12.57 -19.09 3.69
N PRO C 103 13.37 -18.87 4.74
CA PRO C 103 14.77 -19.31 4.74
C PRO C 103 14.80 -20.85 4.86
N ALA C 104 15.86 -21.50 4.35
CA ALA C 104 15.98 -22.97 4.38
C ALA C 104 16.26 -23.52 5.78
N VAL D 1 19.03 -20.33 14.95
CA VAL D 1 18.17 -21.46 15.48
C VAL D 1 17.61 -22.27 14.32
N ASN D 2 17.70 -23.59 14.43
CA ASN D 2 17.16 -24.47 13.41
C ASN D 2 15.69 -24.75 13.69
N CYS D 3 14.83 -24.18 12.85
CA CYS D 3 13.38 -24.25 12.99
C CYS D 3 12.83 -25.65 12.77
N GLU D 4 13.56 -26.46 12.01
CA GLU D 4 13.15 -27.84 11.78
C GLU D 4 13.49 -28.75 12.96
N THR D 5 14.62 -28.51 13.62
CA THR D 5 15.08 -29.40 14.67
C THR D 5 14.95 -28.80 16.07
N SER D 6 14.64 -27.53 16.18
CA SER D 6 14.53 -26.92 17.51
C SER D 6 13.18 -26.21 17.74
N CYS D 7 12.72 -26.19 19.02
CA CYS D 7 11.48 -25.51 19.40
C CYS D 7 11.74 -24.17 20.03
N VAL D 8 13.00 -23.72 19.97
CA VAL D 8 13.39 -22.42 20.51
C VAL D 8 12.85 -21.30 19.65
N GLN D 9 12.21 -20.32 20.25
CA GLN D 9 11.66 -19.24 19.46
C GLN D 9 12.62 -18.05 19.28
N GLN D 10 13.43 -18.13 18.25
CA GLN D 10 14.29 -17.00 17.88
C GLN D 10 14.33 -16.89 16.37
N PRO D 11 14.47 -15.68 15.81
CA PRO D 11 14.52 -15.47 14.36
C PRO D 11 15.39 -16.50 13.65
N PRO D 12 14.94 -17.08 12.52
CA PRO D 12 13.65 -16.79 11.89
C PRO D 12 12.52 -17.77 12.26
N CYS D 13 12.66 -18.47 13.37
CA CYS D 13 11.68 -19.47 13.76
C CYS D 13 10.56 -18.92 14.61
N PHE D 14 9.35 -19.37 14.28
CA PHE D 14 8.14 -19.05 15.05
C PHE D 14 7.37 -20.36 15.27
N PRO D 15 7.95 -21.31 16.05
CA PRO D 15 7.31 -22.61 16.32
C PRO D 15 5.91 -22.49 16.94
N LEU D 16 4.99 -23.31 16.47
CA LEU D 16 3.65 -23.40 17.06
C LEU D 16 3.75 -24.18 18.36
N LYS D 17 3.32 -23.57 19.47
CA LYS D 17 3.35 -24.23 20.78
C LYS D 17 2.27 -25.32 20.91
N ILE D 18 2.51 -26.30 21.76
CA ILE D 18 1.57 -27.40 21.94
C ILE D 18 0.68 -27.16 23.18
N PRO D 19 -0.66 -27.19 23.04
CA PRO D 19 -1.55 -26.98 24.19
C PRO D 19 -1.64 -28.25 25.05
N PRO D 20 -2.17 -28.13 26.28
CA PRO D 20 -2.37 -29.27 27.19
C PRO D 20 -3.38 -30.23 26.58
N ASN D 21 -3.29 -31.50 26.94
CA ASN D 21 -4.23 -32.54 26.47
C ASN D 21 -4.40 -32.51 24.96
N ASP D 22 -3.28 -32.32 24.25
CA ASP D 22 -3.27 -32.43 22.79
C ASP D 22 -3.48 -33.89 22.47
N PRO D 23 -4.39 -34.19 21.53
CA PRO D 23 -4.70 -35.57 21.13
C PRO D 23 -3.53 -36.34 20.46
N ARG D 24 -2.45 -35.64 20.08
CA ARG D 24 -1.34 -36.34 19.41
C ARG D 24 0.02 -36.08 20.08
N ILE D 25 0.35 -34.81 20.33
CA ILE D 25 1.63 -34.45 20.91
C ILE D 25 1.46 -34.19 22.41
N LYS D 26 1.75 -35.26 23.18
CA LYS D 26 1.55 -35.29 24.63
C LYS D 26 2.60 -34.48 25.34
N ASN D 27 3.72 -34.32 24.68
CA ASN D 27 4.81 -33.55 25.23
C ASN D 27 4.68 -32.04 24.85
N GLN D 28 4.38 -31.18 25.86
CA GLN D 28 4.21 -29.73 25.65
C GLN D 28 5.55 -29.05 25.41
N ALA D 29 6.64 -29.77 25.63
CA ALA D 29 7.96 -29.22 25.36
C ALA D 29 8.24 -29.25 23.86
N ASP D 30 7.43 -30.01 23.13
CA ASP D 30 7.56 -30.12 21.70
C ASP D 30 6.84 -28.95 21.00
N CYS D 31 6.92 -28.94 19.66
CA CYS D 31 6.31 -27.92 18.83
C CYS D 31 6.17 -28.40 17.42
N ILE D 32 5.44 -27.64 16.65
CA ILE D 32 5.32 -27.88 15.21
C ILE D 32 6.23 -26.84 14.50
N PRO D 33 7.24 -27.32 13.77
CA PRO D 33 8.19 -26.45 13.06
C PRO D 33 7.49 -25.36 12.24
N PHE D 34 8.08 -24.17 12.28
CA PHE D 34 7.58 -23.03 11.52
C PHE D 34 8.72 -22.05 11.22
N PHE D 35 8.90 -21.74 9.92
CA PHE D 35 9.87 -20.71 9.48
C PHE D 35 9.13 -19.42 9.09
N ARG D 36 9.48 -18.31 9.72
CA ARG D 36 8.85 -17.04 9.34
C ARG D 36 9.07 -16.73 7.85
N SER D 37 8.02 -16.26 7.16
CA SER D 37 8.15 -15.88 5.75
C SER D 37 9.18 -14.73 5.60
N CSO D 38 10.10 -14.87 4.63
CA CSO D 38 11.13 -13.86 4.38
CB CSO D 38 11.83 -14.12 3.03
SG CSO D 38 12.84 -15.61 2.90
C CSO D 38 10.55 -12.44 4.34
O CSO D 38 9.52 -12.16 3.68
OD CSO D 38 14.04 -15.40 3.75
N PRO D 39 11.17 -11.48 5.07
CA PRO D 39 10.71 -10.08 5.07
C PRO D 39 11.16 -9.33 3.79
N ALA D 40 10.30 -8.51 3.23
CA ALA D 40 10.63 -7.75 2.00
C ALA D 40 11.81 -6.78 2.24
N CYS D 41 11.90 -6.22 3.46
CA CYS D 41 12.96 -5.29 3.86
C CYS D 41 13.53 -5.72 5.19
N PRO D 42 14.45 -6.70 5.18
CA PRO D 42 15.10 -7.27 6.40
C PRO D 42 15.76 -6.25 7.35
N GLY D 43 15.48 -6.43 8.64
CA GLY D 43 16.10 -5.63 9.71
C GLY D 43 15.77 -4.15 9.73
N SER D 44 14.68 -3.78 9.09
CA SER D 44 14.27 -2.37 9.02
C SER D 44 13.48 -1.89 10.24
N ASN D 45 13.82 -0.71 10.70
CA ASN D 45 13.13 -0.12 11.82
C ASN D 45 12.27 1.00 11.33
N ILE D 46 11.86 0.91 10.07
CA ILE D 46 11.03 1.93 9.44
C ILE D 46 9.81 1.31 8.77
N THR D 47 10.05 0.29 7.99
CA THR D 47 8.98 -0.32 7.22
C THR D 47 8.16 -1.24 8.06
N ILE D 48 6.91 -1.33 7.75
CA ILE D 48 6.04 -2.30 8.37
C ILE D 48 6.32 -3.58 7.63
N ARG D 49 6.74 -4.60 8.32
CA ARG D 49 7.17 -5.84 7.68
C ARG D 49 6.16 -6.37 6.69
N ASN D 50 6.67 -6.77 5.52
CA ASN D 50 5.83 -7.36 4.52
C ASN D 50 6.54 -8.61 3.95
N GLN D 51 5.75 -9.48 3.30
CA GLN D 51 6.27 -10.71 2.70
C GLN D 51 6.36 -10.60 1.16
N ILE D 52 7.06 -11.58 0.56
CA ILE D 52 7.40 -11.57 -0.86
C ILE D 52 6.63 -12.60 -1.68
N ASN D 53 6.16 -12.17 -2.86
CA ASN D 53 5.65 -13.12 -3.85
C ASN D 53 6.80 -13.46 -4.81
N ALA D 54 7.17 -14.74 -4.85
CA ALA D 54 8.26 -15.23 -5.67
C ALA D 54 7.83 -15.53 -7.11
N LEU D 55 6.53 -15.42 -7.37
CA LEU D 55 5.95 -15.79 -8.66
C LEU D 55 5.26 -14.61 -9.34
N THR D 56 4.99 -14.78 -10.65
CA THR D 56 4.17 -13.81 -11.40
C THR D 56 2.74 -14.00 -10.95
N SER D 57 2.09 -12.89 -10.57
CA SER D 57 0.71 -12.92 -10.10
C SER D 57 -0.21 -13.36 -11.23
N PHE D 58 0.16 -12.97 -12.45
CA PHE D 58 -0.70 -13.25 -13.60
C PHE D 58 -0.97 -14.73 -13.78
N VAL D 59 -2.17 -15.02 -14.29
CA VAL D 59 -2.52 -16.40 -14.67
C VAL D 59 -1.87 -16.65 -16.04
N ASP D 60 -0.62 -17.07 -16.00
CA ASP D 60 0.18 -17.19 -17.20
C ASP D 60 0.91 -18.50 -17.25
N ALA D 61 0.46 -19.45 -16.43
CA ALA D 61 1.06 -20.76 -16.34
C ALA D 61 2.54 -20.66 -15.94
N SER D 62 2.86 -19.73 -15.05
CA SER D 62 4.23 -19.59 -14.59
C SER D 62 4.71 -20.86 -13.84
N MET D 63 3.73 -21.70 -13.37
CA MET D 63 4.06 -22.98 -12.70
C MET D 63 4.62 -24.03 -13.70
N VAL D 64 4.42 -23.77 -15.01
CA VAL D 64 4.94 -24.60 -16.07
C VAL D 64 6.30 -24.02 -16.57
N TYR D 65 6.34 -22.69 -16.76
CA TYR D 65 7.49 -22.04 -17.41
C TYR D 65 8.50 -21.39 -16.48
N GLY D 66 8.09 -21.11 -15.21
CA GLY D 66 9.00 -20.45 -14.26
C GLY D 66 8.78 -18.96 -14.21
N SER D 67 9.18 -18.35 -13.11
CA SER D 67 8.99 -16.90 -12.91
C SER D 67 10.31 -16.14 -12.86
N GLU D 68 11.41 -16.85 -13.10
CA GLU D 68 12.73 -16.27 -13.15
C GLU D 68 13.44 -16.82 -14.38
N GLU D 69 14.21 -15.95 -15.09
CA GLU D 69 14.87 -16.24 -16.39
C GLU D 69 15.82 -17.41 -16.44
N PRO D 70 16.61 -17.67 -15.34
CA PRO D 70 17.57 -18.80 -15.30
C PRO D 70 16.82 -20.15 -15.36
N LEU D 71 15.85 -20.30 -14.44
CA LEU D 71 14.98 -21.47 -14.40
C LEU D 71 14.30 -21.66 -15.74
N ALA D 72 13.60 -20.61 -16.17
CA ALA D 72 12.81 -20.65 -17.40
C ALA D 72 13.63 -21.21 -18.55
N ARG D 73 14.88 -20.77 -18.67
CA ARG D 73 15.72 -21.28 -19.73
C ARG D 73 16.12 -22.72 -19.44
N ASN D 74 16.34 -23.06 -18.17
CA ASN D 74 16.74 -24.42 -17.83
C ASN D 74 15.62 -25.43 -18.01
N LEU D 75 14.37 -24.93 -18.07
CA LEU D 75 13.18 -25.77 -18.24
C LEU D 75 12.93 -26.08 -19.72
N ARG D 76 13.66 -25.41 -20.61
CA ARG D 76 13.47 -25.57 -22.04
C ARG D 76 14.46 -26.54 -22.69
N ASN D 77 14.01 -27.20 -23.76
CA ASN D 77 14.87 -28.08 -24.51
C ASN D 77 15.71 -27.20 -25.43
N MET D 78 17.02 -27.14 -25.16
CA MET D 78 17.88 -26.29 -25.97
C MET D 78 18.81 -27.09 -26.88
N SER D 79 18.40 -28.30 -27.29
CA SER D 79 19.22 -29.16 -28.16
C SER D 79 18.77 -29.10 -29.64
N ASN D 80 17.68 -28.41 -29.91
CA ASN D 80 17.09 -28.35 -31.25
C ASN D 80 16.25 -27.08 -31.37
N GLN D 81 15.61 -26.86 -32.52
CA GLN D 81 14.80 -25.65 -32.73
C GLN D 81 13.30 -25.92 -32.66
N LEU D 82 12.90 -26.94 -31.88
CA LEU D 82 11.47 -27.29 -31.79
C LEU D 82 10.66 -26.48 -30.73
N GLY D 83 11.35 -25.76 -29.83
CA GLY D 83 10.68 -24.91 -28.84
C GLY D 83 10.00 -25.69 -27.72
N LEU D 84 10.56 -26.87 -27.42
CA LEU D 84 9.98 -27.74 -26.44
C LEU D 84 10.50 -27.49 -25.03
N LEU D 85 9.74 -27.99 -24.05
CA LEU D 85 10.16 -28.02 -22.65
C LEU D 85 10.92 -29.32 -22.45
N ALA D 86 12.05 -29.26 -21.74
CA ALA D 86 12.89 -30.43 -21.50
C ALA D 86 12.14 -31.56 -20.75
N VAL D 87 12.25 -32.80 -21.22
CA VAL D 87 11.54 -33.88 -20.54
C VAL D 87 12.51 -34.82 -19.83
N ASN D 88 11.96 -35.66 -18.92
CA ASN D 88 12.79 -36.57 -18.13
C ASN D 88 13.66 -37.48 -19.04
N GLN D 89 14.97 -37.52 -18.74
CA GLN D 89 15.92 -38.28 -19.53
C GLN D 89 16.14 -39.71 -19.01
N ARG D 90 15.54 -40.06 -17.89
CA ARG D 90 15.75 -41.41 -17.36
C ARG D 90 14.47 -42.26 -17.30
N PHE D 91 13.28 -41.62 -17.42
CA PHE D 91 12.00 -42.33 -17.28
C PHE D 91 10.89 -41.80 -18.18
N GLN D 92 10.03 -42.70 -18.62
CA GLN D 92 8.84 -42.34 -19.36
C GLN D 92 7.62 -43.01 -18.75
N ASP D 93 6.45 -42.45 -19.02
CA ASP D 93 5.18 -42.96 -18.57
C ASP D 93 4.40 -43.48 -19.78
N ASN D 94 4.56 -44.79 -20.07
CA ASN D 94 3.95 -45.50 -21.24
C ASN D 94 4.28 -44.83 -22.57
N GLY D 95 5.55 -44.50 -22.78
CA GLY D 95 5.96 -43.84 -24.01
C GLY D 95 5.71 -42.34 -24.01
N ARG D 96 5.36 -41.78 -22.84
CA ARG D 96 5.13 -40.34 -22.72
C ARG D 96 6.07 -39.69 -21.72
N ALA D 97 6.24 -38.40 -21.86
CA ALA D 97 7.19 -37.66 -21.08
C ALA D 97 6.80 -37.42 -19.62
N LEU D 98 7.80 -37.49 -18.79
CA LEU D 98 7.67 -37.08 -17.40
C LEU D 98 8.43 -35.76 -17.22
N LEU D 99 8.22 -35.11 -16.10
CA LEU D 99 8.97 -33.91 -15.79
C LEU D 99 10.42 -34.31 -15.50
N PRO D 100 11.40 -33.47 -15.88
CA PRO D 100 12.77 -33.79 -15.58
C PRO D 100 12.91 -33.80 -14.07
N PHE D 101 13.92 -34.50 -13.57
CA PHE D 101 14.15 -34.54 -12.15
C PHE D 101 14.84 -33.28 -11.75
N ASP D 102 14.56 -32.82 -10.54
CA ASP D 102 15.20 -31.62 -10.04
C ASP D 102 16.45 -32.01 -9.27
N ASN D 103 17.37 -31.06 -9.08
CA ASN D 103 18.56 -31.35 -8.28
C ASN D 103 18.53 -30.55 -6.97
N LEU D 104 17.84 -31.10 -5.99
CA LEU D 104 17.76 -30.47 -4.70
C LEU D 104 18.83 -31.05 -3.78
N HIS D 105 19.25 -30.25 -2.81
CA HIS D 105 20.30 -30.66 -1.91
C HIS D 105 19.82 -31.79 -1.01
N ASP D 106 18.91 -31.44 -0.07
CA ASP D 106 18.39 -32.40 0.92
C ASP D 106 17.05 -32.96 0.49
N ASP D 107 16.89 -33.09 -0.83
CA ASP D 107 15.68 -33.59 -1.52
C ASP D 107 14.72 -34.40 -0.65
N PRO D 108 13.55 -33.81 -0.31
CA PRO D 108 12.53 -34.47 0.53
C PRO D 108 11.94 -35.69 -0.13
N CYS D 109 11.85 -35.66 -1.47
CA CYS D 109 11.26 -36.76 -2.21
C CYS D 109 12.02 -38.08 -1.96
N LEU D 110 13.35 -38.03 -1.97
CA LEU D 110 14.15 -39.22 -1.71
C LEU D 110 13.81 -39.86 -0.34
N LEU D 111 13.44 -39.05 0.64
CA LEU D 111 13.09 -39.59 1.95
C LEU D 111 11.73 -40.34 1.99
N THR D 112 10.86 -40.14 0.98
CA THR D 112 9.53 -40.78 0.97
C THR D 112 9.59 -42.28 0.64
N ASN D 113 10.75 -42.72 0.18
CA ASN D 113 11.07 -44.11 -0.13
C ASN D 113 12.57 -44.18 -0.43
N ARG D 114 13.35 -44.62 0.56
CA ARG D 114 14.81 -44.62 0.48
C ARG D 114 15.40 -45.47 -0.65
N SER D 115 14.82 -46.64 -0.91
CA SER D 115 15.43 -47.54 -1.90
C SER D 115 15.08 -47.19 -3.36
N ALA D 116 13.89 -46.61 -3.60
CA ALA D 116 13.49 -46.23 -4.96
C ALA D 116 14.47 -45.21 -5.53
N ARG D 117 14.89 -44.29 -4.66
CA ARG D 117 15.85 -43.25 -5.03
C ARG D 117 15.32 -42.41 -6.20
N ILE D 118 14.08 -41.97 -6.08
CA ILE D 118 13.46 -41.08 -7.06
C ILE D 118 13.46 -39.68 -6.45
N PRO D 119 14.14 -38.73 -7.11
CA PRO D 119 14.22 -37.34 -6.66
C PRO D 119 12.98 -36.53 -7.02
N CYS D 120 12.89 -35.32 -6.48
CA CYS D 120 11.81 -34.41 -6.81
C CYS D 120 11.92 -33.94 -8.26
N PHE D 121 10.79 -33.57 -8.83
CA PHE D 121 10.71 -33.11 -10.21
C PHE D 121 11.04 -31.61 -10.35
N LEU D 122 11.63 -31.26 -11.48
CA LEU D 122 11.93 -29.88 -11.80
C LEU D 122 10.79 -29.33 -12.65
N ALA D 123 10.17 -28.23 -12.19
CA ALA D 123 9.11 -27.56 -12.92
C ALA D 123 9.20 -26.05 -12.73
N GLY D 124 8.25 -25.31 -13.34
CA GLY D 124 8.20 -23.85 -13.23
C GLY D 124 8.02 -23.33 -11.80
N ASP D 125 7.44 -24.16 -10.92
CA ASP D 125 7.25 -23.87 -9.50
C ASP D 125 7.91 -24.99 -8.66
N THR D 126 8.42 -24.62 -7.51
CA THR D 126 9.16 -25.51 -6.64
C THR D 126 8.33 -26.60 -5.93
N ARG D 127 7.02 -26.60 -6.07
CA ARG D 127 6.21 -27.53 -5.27
C ARG D 127 5.57 -28.68 -6.07
N SER D 128 5.97 -28.84 -7.35
CA SER D 128 5.34 -29.79 -8.28
C SER D 128 5.23 -31.22 -7.75
N SER D 129 6.12 -31.60 -6.84
CA SER D 129 6.14 -32.97 -6.29
C SER D 129 5.40 -33.09 -4.90
N GLU D 130 4.86 -31.97 -4.40
CA GLU D 130 4.21 -31.95 -3.07
C GLU D 130 3.17 -33.06 -2.94
N MET D 131 2.32 -33.24 -3.96
CA MET D 131 1.42 -34.41 -4.04
C MET D 131 1.33 -34.92 -5.47
N PRO D 132 1.28 -36.28 -5.65
CA PRO D 132 1.24 -36.96 -6.97
C PRO D 132 0.20 -36.47 -7.95
N GLU D 133 -0.93 -36.04 -7.43
CA GLU D 133 -2.02 -35.48 -8.21
C GLU D 133 -1.64 -34.10 -8.84
N LEU D 134 -0.86 -33.29 -8.09
CA LEU D 134 -0.35 -32.02 -8.61
C LEU D 134 0.70 -32.31 -9.70
N THR D 135 1.62 -33.23 -9.40
CA THR D 135 2.66 -33.59 -10.36
C THR D 135 1.99 -34.02 -11.67
N SER D 136 0.86 -34.71 -11.56
CA SER D 136 0.17 -35.19 -12.73
C SER D 136 -0.38 -34.05 -13.55
N MET D 137 -0.73 -32.97 -12.89
CA MET D 137 -1.24 -31.81 -13.61
C MET D 137 -0.11 -31.03 -14.30
N HIS D 138 1.04 -30.96 -13.63
CA HIS D 138 2.29 -30.34 -14.16
C HIS D 138 2.82 -31.10 -15.39
N THR D 139 2.72 -32.43 -15.33
CA THR D 139 3.15 -33.32 -16.39
C THR D 139 2.22 -33.19 -17.58
N LEU D 140 0.93 -33.13 -17.30
CA LEU D 140 -0.11 -32.96 -18.33
C LEU D 140 0.05 -31.66 -19.12
N LEU D 141 0.27 -30.55 -18.42
CA LEU D 141 0.47 -29.26 -19.07
C LEU D 141 1.80 -29.22 -19.87
N LEU D 142 2.90 -29.79 -19.30
CA LEU D 142 4.20 -29.87 -19.99
C LEU D 142 4.07 -30.64 -21.31
N ARG D 143 3.24 -31.69 -21.29
CA ARG D 143 2.98 -32.47 -22.51
C ARG D 143 2.19 -31.66 -23.55
N GLU D 144 1.17 -30.94 -23.08
CA GLU D 144 0.36 -30.10 -23.95
C GLU D 144 1.22 -29.04 -24.65
N HIS D 145 2.19 -28.47 -23.90
CA HIS D 145 3.14 -27.49 -24.45
C HIS D 145 3.89 -28.08 -25.64
N ASN D 146 4.48 -29.27 -25.46
CA ASN D 146 5.27 -29.93 -26.53
C ASN D 146 4.40 -30.42 -27.68
N ARG D 147 3.14 -30.74 -27.41
CA ARG D 147 2.20 -31.13 -28.47
C ARG D 147 1.90 -29.92 -29.34
N LEU D 148 1.61 -28.79 -28.68
CA LEU D 148 1.32 -27.54 -29.36
C LEU D 148 2.50 -27.08 -30.21
N ALA D 149 3.69 -27.17 -29.66
CA ALA D 149 4.89 -26.75 -30.36
C ALA D 149 5.11 -27.58 -31.60
N THR D 150 4.75 -28.88 -31.53
CA THR D 150 4.89 -29.83 -32.65
C THR D 150 3.95 -29.48 -33.82
N GLU D 151 2.66 -29.34 -33.48
CA GLU D 151 1.61 -28.98 -34.42
C GLU D 151 1.90 -27.64 -35.07
N LEU D 152 2.35 -26.69 -34.26
CA LEU D 152 2.68 -25.36 -34.72
C LEU D 152 3.87 -25.41 -35.65
N LYS D 153 4.79 -26.37 -35.42
CA LYS D 153 5.95 -26.56 -36.28
C LYS D 153 5.52 -27.07 -37.69
N SER D 154 4.50 -27.96 -37.73
CA SER D 154 3.96 -28.46 -39.01
C SER D 154 3.15 -27.35 -39.71
N LEU D 155 2.54 -26.49 -38.90
CA LEU D 155 1.69 -25.40 -39.38
C LEU D 155 2.49 -24.24 -39.94
N ASN D 156 3.62 -23.93 -39.29
CA ASN D 156 4.48 -22.80 -39.69
C ASN D 156 5.95 -23.20 -39.66
N PRO D 157 6.42 -23.92 -40.69
CA PRO D 157 7.83 -24.41 -40.79
C PRO D 157 8.93 -23.37 -40.55
N ARG D 158 8.74 -22.13 -41.03
CA ARG D 158 9.75 -21.06 -40.92
C ARG D 158 9.98 -20.65 -39.46
N TRP D 159 8.99 -20.94 -38.59
CA TRP D 159 9.06 -20.59 -37.14
C TRP D 159 10.21 -21.27 -36.43
N ASP D 160 11.15 -20.48 -35.93
CA ASP D 160 12.28 -21.03 -35.19
C ASP D 160 11.81 -21.58 -33.83
N GLY D 161 12.76 -22.08 -33.03
CA GLY D 161 12.42 -22.61 -31.72
C GLY D 161 11.75 -21.59 -30.82
N GLU D 162 12.37 -20.41 -30.70
CA GLU D 162 11.88 -19.32 -29.84
C GLU D 162 10.42 -18.97 -30.17
N ARG D 163 10.09 -18.89 -31.46
CA ARG D 163 8.74 -18.56 -31.92
C ARG D 163 7.75 -19.66 -31.48
N LEU D 164 8.18 -20.90 -31.64
CA LEU D 164 7.38 -22.07 -31.28
C LEU D 164 7.16 -22.15 -29.77
N TYR D 165 8.23 -21.91 -29.00
CA TYR D 165 8.17 -21.93 -27.53
C TYR D 165 7.17 -20.92 -27.05
N GLN D 166 7.36 -19.69 -27.46
CA GLN D 166 6.49 -18.59 -27.08
C GLN D 166 5.04 -18.71 -27.56
N GLU D 167 4.82 -19.23 -28.78
CA GLU D 167 3.45 -19.38 -29.27
C GLU D 167 2.71 -20.52 -28.55
N ALA D 168 3.46 -21.58 -28.20
CA ALA D 168 2.96 -22.72 -27.42
C ALA D 168 2.65 -22.30 -25.99
N ARG D 169 3.61 -21.61 -25.32
CA ARG D 169 3.46 -21.08 -23.95
C ARG D 169 2.26 -20.11 -23.86
N LYS D 170 2.02 -19.37 -24.96
CA LYS D 170 0.91 -18.40 -25.05
C LYS D 170 -0.44 -19.11 -25.17
N ILE D 171 -0.49 -20.21 -25.89
CA ILE D 171 -1.74 -20.98 -25.95
C ILE D 171 -1.99 -21.65 -24.59
N VAL D 172 -0.93 -22.22 -23.98
CA VAL D 172 -1.04 -22.88 -22.69
C VAL D 172 -1.56 -21.90 -21.66
N GLY D 173 -0.96 -20.70 -21.67
CA GLY D 173 -1.40 -19.60 -20.81
C GLY D 173 -2.91 -19.35 -20.92
N ALA D 174 -3.41 -19.19 -22.15
CA ALA D 174 -4.83 -19.00 -22.36
C ALA D 174 -5.61 -20.19 -21.81
N MET D 175 -5.06 -21.39 -21.97
CA MET D 175 -5.74 -22.56 -21.49
C MET D 175 -5.97 -22.49 -20.00
N VAL D 176 -4.92 -22.11 -19.26
CA VAL D 176 -5.04 -21.98 -17.79
C VAL D 176 -6.09 -20.92 -17.40
N GLN D 177 -6.10 -19.78 -18.13
CA GLN D 177 -7.07 -18.71 -17.91
C GLN D 177 -8.50 -19.15 -18.22
N ILE D 178 -8.70 -19.81 -19.36
CA ILE D 178 -10.03 -20.26 -19.76
C ILE D 178 -10.64 -21.27 -18.77
N ILE D 179 -9.89 -22.31 -18.46
CA ILE D 179 -10.37 -23.33 -17.51
C ILE D 179 -10.69 -22.71 -16.14
N THR D 180 -9.79 -21.83 -15.66
CA THR D 180 -9.94 -21.16 -14.37
C THR D 180 -11.19 -20.24 -14.30
N TYR D 181 -11.34 -19.29 -15.25
CA TYR D 181 -12.46 -18.35 -15.17
C TYR D 181 -13.77 -18.91 -15.74
N ARG D 182 -13.69 -19.83 -16.70
CA ARG D 182 -14.93 -20.35 -17.25
C ARG D 182 -15.51 -21.50 -16.43
N ASP D 183 -14.66 -22.42 -16.00
CA ASP D 183 -15.18 -23.63 -15.33
C ASP D 183 -15.01 -23.64 -13.81
N TYR D 184 -13.79 -23.32 -13.37
CA TYR D 184 -13.41 -23.40 -11.97
C TYR D 184 -14.04 -22.34 -11.08
N LEU D 185 -13.67 -21.04 -11.31
CA LEU D 185 -14.15 -19.90 -10.49
C LEU D 185 -15.67 -19.80 -10.24
N PRO D 186 -16.54 -20.03 -11.26
CA PRO D 186 -17.99 -19.97 -11.04
C PRO D 186 -18.42 -21.02 -9.98
N LEU D 187 -17.66 -22.15 -9.86
CA LEU D 187 -17.98 -23.21 -8.89
C LEU D 187 -17.33 -22.96 -7.54
N VAL D 188 -16.41 -22.02 -7.51
CA VAL D 188 -15.83 -21.62 -6.25
C VAL D 188 -16.77 -20.63 -5.56
N LEU D 189 -17.10 -19.60 -6.33
CA LEU D 189 -17.86 -18.47 -5.88
C LEU D 189 -19.38 -18.71 -5.84
N GLY D 190 -19.91 -19.54 -6.73
CA GLY D 190 -21.35 -19.63 -6.86
C GLY D 190 -21.86 -18.54 -7.78
N PRO D 191 -23.05 -18.64 -8.32
CA PRO D 191 -23.62 -17.64 -9.25
C PRO D 191 -23.64 -16.18 -8.77
N THR D 192 -24.13 -15.94 -7.57
CA THR D 192 -24.26 -14.56 -7.07
C THR D 192 -22.92 -13.88 -6.85
N ALA D 193 -21.95 -14.57 -6.25
CA ALA D 193 -20.62 -13.97 -6.05
C ALA D 193 -19.88 -13.79 -7.39
N MET D 194 -20.08 -14.71 -8.32
CA MET D 194 -19.49 -14.62 -9.65
C MET D 194 -19.90 -13.32 -10.35
N ARG D 195 -21.21 -13.05 -10.44
CA ARG D 195 -21.70 -11.82 -11.09
C ARG D 195 -21.20 -10.53 -10.41
N LYS D 196 -21.14 -10.54 -9.08
CA LYS D 196 -20.75 -9.37 -8.29
C LYS D 196 -19.25 -9.05 -8.40
N TYR D 197 -18.41 -10.06 -8.28
CA TYR D 197 -16.98 -9.82 -8.24
C TYR D 197 -16.28 -10.00 -9.59
N LEU D 198 -16.94 -10.72 -10.50
CA LEU D 198 -16.38 -10.95 -11.84
C LEU D 198 -17.36 -10.60 -12.97
N PRO D 199 -17.79 -9.33 -13.13
CA PRO D 199 -18.70 -8.97 -14.22
C PRO D 199 -18.09 -9.36 -15.57
N THR D 200 -18.90 -9.36 -16.63
CA THR D 200 -18.42 -9.66 -18.00
C THR D 200 -17.19 -8.83 -18.35
N TYR D 201 -16.18 -9.50 -18.86
CA TYR D 201 -14.96 -8.84 -19.28
C TYR D 201 -15.27 -7.78 -20.35
N ARG D 202 -14.64 -6.60 -20.20
CA ARG D 202 -14.70 -5.52 -21.20
C ARG D 202 -13.34 -5.48 -21.93
N SER D 203 -12.28 -4.98 -21.28
CA SER D 203 -10.90 -5.05 -21.81
C SER D 203 -9.86 -4.61 -20.77
N TYR D 204 -8.60 -4.65 -21.17
CA TYR D 204 -7.47 -4.29 -20.32
C TYR D 204 -7.56 -2.89 -19.78
N ASN D 205 -7.46 -2.81 -18.47
CA ASN D 205 -7.42 -1.54 -17.75
C ASN D 205 -6.08 -1.48 -16.99
N ASP D 206 -5.19 -0.58 -17.44
CA ASP D 206 -3.85 -0.47 -16.83
C ASP D 206 -3.81 0.23 -15.47
N SER D 207 -4.95 0.70 -15.00
CA SER D 207 -5.05 1.31 -13.67
C SER D 207 -5.53 0.28 -12.65
N VAL D 208 -5.68 -0.98 -13.10
CA VAL D 208 -6.08 -2.09 -12.23
C VAL D 208 -4.86 -2.78 -11.69
N ASP D 209 -4.60 -2.66 -10.38
CA ASP D 209 -3.41 -3.29 -9.75
C ASP D 209 -3.54 -4.81 -9.74
N PRO D 210 -2.71 -5.51 -10.53
CA PRO D 210 -2.76 -6.98 -10.63
C PRO D 210 -1.93 -7.73 -9.57
N ARG D 211 -1.42 -7.04 -8.55
CA ARG D 211 -0.57 -7.73 -7.56
C ARG D 211 -1.39 -8.67 -6.68
N ILE D 212 -0.77 -9.76 -6.24
CA ILE D 212 -1.47 -10.62 -5.28
C ILE D 212 -1.47 -9.89 -3.95
N ALA D 213 -2.63 -9.80 -3.31
CA ALA D 213 -2.73 -9.18 -1.98
C ALA D 213 -2.22 -10.16 -0.92
N ASN D 214 -1.56 -9.66 0.14
CA ASN D 214 -1.04 -10.53 1.19
C ASN D 214 -2.14 -11.47 1.76
N VAL D 215 -3.33 -10.93 2.01
CA VAL D 215 -4.47 -11.74 2.53
C VAL D 215 -4.83 -12.94 1.61
N PHE D 216 -4.71 -12.74 0.28
CA PHE D 216 -5.05 -13.81 -0.67
C PHE D 216 -4.26 -15.07 -0.39
N THR D 217 -2.97 -14.92 -0.10
CA THR D 217 -2.10 -16.08 0.16
C THR D 217 -2.65 -16.98 1.32
N ASN D 218 -3.51 -16.42 2.14
CA ASN D 218 -4.05 -17.19 3.25
C ASN D 218 -5.52 -17.60 2.99
N ALA D 219 -6.32 -16.67 2.39
CA ALA D 219 -7.74 -16.93 2.09
C ALA D 219 -7.94 -18.03 1.05
N PHE D 220 -7.11 -18.03 -0.02
CA PHE D 220 -7.25 -19.06 -1.08
C PHE D 220 -6.89 -20.47 -0.57
N ARG D 221 -6.36 -20.56 0.67
CA ARG D 221 -6.04 -21.84 1.31
C ARG D 221 -7.31 -22.54 1.71
N TYR D 222 -8.42 -21.92 1.31
CA TYR D 222 -9.73 -22.48 1.51
C TYR D 222 -9.77 -23.90 0.96
N GLY D 223 -8.94 -24.09 -0.09
CA GLY D 223 -8.85 -25.34 -0.80
C GLY D 223 -8.51 -26.52 0.07
N HIS D 224 -7.80 -26.24 1.20
CA HIS D 224 -7.40 -27.26 2.18
C HIS D 224 -8.61 -28.00 2.75
N THR D 225 -9.79 -27.39 2.67
CA THR D 225 -11.03 -28.01 3.16
C THR D 225 -11.61 -29.06 2.18
N LEU D 226 -11.13 -29.05 0.94
CA LEU D 226 -11.66 -29.94 -0.09
C LEU D 226 -10.85 -31.22 -0.20
N ILE D 227 -9.73 -31.27 0.52
CA ILE D 227 -8.78 -32.40 0.48
C ILE D 227 -9.32 -33.71 1.11
N GLN D 228 -9.22 -34.79 0.33
CA GLN D 228 -9.60 -36.13 0.79
C GLN D 228 -8.39 -36.78 1.46
N PRO D 229 -8.63 -37.65 2.46
CA PRO D 229 -7.54 -38.35 3.19
C PRO D 229 -6.74 -39.40 2.37
N PHE D 230 -7.15 -39.65 1.10
CA PHE D 230 -6.45 -40.58 0.19
C PHE D 230 -6.16 -40.01 -1.18
N MET D 231 -5.11 -40.57 -1.81
CA MET D 231 -4.84 -40.41 -3.26
C MET D 231 -5.48 -41.63 -3.93
N PHE D 232 -6.47 -41.37 -4.79
CA PHE D 232 -7.25 -42.45 -5.40
C PHE D 232 -6.78 -42.77 -6.80
N ARG D 233 -6.45 -44.01 -7.05
CA ARG D 233 -5.99 -44.37 -8.40
C ARG D 233 -6.88 -45.44 -9.04
N LEU D 234 -7.31 -45.14 -10.27
CA LEU D 234 -8.19 -46.02 -11.05
C LEU D 234 -7.56 -46.48 -12.37
N ASP D 235 -7.81 -47.75 -12.73
CA ASP D 235 -7.34 -48.32 -14.00
C ASP D 235 -8.21 -47.88 -15.21
N ASN D 236 -7.96 -48.47 -16.39
CA ASN D 236 -8.67 -48.10 -17.62
C ASN D 236 -10.19 -48.29 -17.56
N ARG D 237 -10.70 -49.22 -16.76
CA ARG D 237 -12.16 -49.30 -16.65
C ARG D 237 -12.65 -48.57 -15.41
N TYR D 238 -11.78 -47.70 -14.88
CA TYR D 238 -12.09 -46.85 -13.74
C TYR D 238 -12.43 -47.63 -12.46
N GLN D 239 -11.73 -48.74 -12.25
CA GLN D 239 -11.92 -49.54 -11.03
C GLN D 239 -10.67 -49.41 -10.18
N PRO D 240 -10.77 -49.75 -8.88
CA PRO D 240 -9.64 -49.69 -7.96
C PRO D 240 -8.42 -50.41 -8.54
N MET D 241 -7.34 -49.64 -8.66
CA MET D 241 -6.07 -50.11 -9.19
C MET D 241 -5.28 -50.82 -8.10
N GLU D 242 -5.46 -52.14 -8.00
CA GLU D 242 -4.75 -52.94 -6.99
C GLU D 242 -3.24 -52.98 -7.26
N PRO D 243 -2.39 -53.29 -6.24
CA PRO D 243 -2.83 -53.61 -4.88
C PRO D 243 -3.17 -52.41 -3.98
N ASN D 244 -2.89 -51.18 -4.39
CA ASN D 244 -3.13 -50.07 -3.48
C ASN D 244 -3.88 -48.91 -4.13
N PRO D 245 -5.24 -49.00 -4.15
CA PRO D 245 -6.13 -47.97 -4.73
C PRO D 245 -6.34 -46.71 -3.87
N ARG D 246 -6.21 -46.87 -2.57
CA ARG D 246 -6.44 -45.78 -1.68
C ARG D 246 -5.26 -45.60 -0.77
N VAL D 247 -4.32 -44.74 -1.18
CA VAL D 247 -3.13 -44.49 -0.37
C VAL D 247 -3.27 -43.26 0.53
N PRO D 248 -2.99 -43.43 1.84
CA PRO D 248 -3.04 -42.35 2.86
C PRO D 248 -2.20 -41.18 2.39
N LEU D 249 -2.74 -39.97 2.51
CA LEU D 249 -2.07 -38.80 1.99
C LEU D 249 -0.74 -38.57 2.68
N SER D 250 -0.66 -38.98 3.96
CA SER D 250 0.57 -38.83 4.74
C SER D 250 1.69 -39.69 4.17
N ARG D 251 1.38 -40.50 3.18
CA ARG D 251 2.39 -41.29 2.48
C ARG D 251 2.42 -40.99 0.98
N VAL D 252 1.94 -39.81 0.56
CA VAL D 252 2.03 -39.45 -0.86
C VAL D 252 2.76 -38.13 -1.06
N PHE D 253 2.78 -37.30 -0.01
CA PHE D 253 3.44 -36.00 -0.07
C PHE D 253 4.91 -36.13 -0.49
N PHE D 254 5.27 -35.45 -1.58
CA PHE D 254 6.63 -35.51 -2.15
C PHE D 254 7.00 -36.94 -2.62
N ALA D 255 6.03 -37.86 -2.72
CA ALA D 255 6.35 -39.23 -3.14
C ALA D 255 6.48 -39.36 -4.68
N SER D 256 7.45 -38.65 -5.25
CA SER D 256 7.65 -38.65 -6.69
C SER D 256 7.82 -40.06 -7.24
N TRP D 257 8.44 -40.95 -6.46
CA TRP D 257 8.64 -42.35 -6.85
C TRP D 257 7.34 -43.03 -7.24
N ARG D 258 6.22 -42.54 -6.71
CA ARG D 258 4.97 -43.19 -7.02
C ARG D 258 4.49 -42.90 -8.43
N VAL D 259 4.85 -41.74 -8.97
CA VAL D 259 4.46 -41.40 -10.33
C VAL D 259 5.27 -42.22 -11.34
N VAL D 260 6.58 -42.28 -11.08
CA VAL D 260 7.59 -42.99 -11.87
C VAL D 260 7.46 -44.53 -11.83
N LEU D 261 7.22 -45.10 -10.63
CA LEU D 261 7.19 -46.55 -10.47
C LEU D 261 5.80 -47.17 -10.35
N GLU D 262 4.75 -46.38 -10.09
CA GLU D 262 3.44 -46.99 -9.83
C GLU D 262 2.34 -46.67 -10.85
N GLY D 263 2.69 -46.63 -12.14
CA GLY D 263 1.68 -46.49 -13.18
C GLY D 263 1.65 -45.19 -13.95
N GLY D 264 2.47 -44.21 -13.53
CA GLY D 264 2.47 -42.91 -14.21
C GLY D 264 1.34 -41.97 -13.79
N ILE D 265 0.88 -41.09 -14.70
CA ILE D 265 -0.14 -40.13 -14.33
C ILE D 265 -1.57 -40.52 -14.69
N ASP D 266 -1.74 -41.58 -15.49
CA ASP D 266 -3.10 -41.98 -15.88
C ASP D 266 -3.98 -42.46 -14.70
N PRO D 267 -3.47 -43.38 -13.82
CA PRO D 267 -4.23 -43.84 -12.64
C PRO D 267 -4.62 -42.67 -11.70
N ILE D 268 -3.70 -41.69 -11.57
CA ILE D 268 -3.91 -40.47 -10.78
C ILE D 268 -5.00 -39.54 -11.40
N LEU D 269 -4.85 -39.17 -12.69
CA LEU D 269 -5.84 -38.32 -13.34
C LEU D 269 -7.25 -38.94 -13.29
N ARG D 270 -7.36 -40.23 -13.58
CA ARG D 270 -8.68 -40.89 -13.52
C ARG D 270 -9.25 -40.79 -12.09
N GLY D 271 -8.36 -40.90 -11.08
CA GLY D 271 -8.78 -40.76 -9.65
C GLY D 271 -9.37 -39.39 -9.32
N LEU D 272 -8.73 -38.32 -9.82
CA LEU D 272 -9.24 -36.94 -9.64
C LEU D 272 -10.60 -36.76 -10.32
N MET D 273 -10.79 -37.44 -11.44
CA MET D 273 -12.02 -37.28 -12.18
C MET D 273 -13.19 -38.04 -11.56
N ALA D 274 -12.94 -39.27 -11.10
CA ALA D 274 -14.06 -40.14 -10.71
C ALA D 274 -14.21 -40.32 -9.21
N THR D 275 -13.68 -39.38 -8.46
CA THR D 275 -13.79 -39.40 -6.99
C THR D 275 -14.28 -38.04 -6.54
N PRO D 276 -15.26 -38.01 -5.67
CA PRO D 276 -15.75 -36.74 -5.16
C PRO D 276 -14.65 -36.01 -4.35
N ALA D 277 -14.67 -34.69 -4.40
CA ALA D 277 -13.87 -33.91 -3.48
C ALA D 277 -14.54 -34.05 -2.08
N LYS D 278 -13.83 -33.66 -1.03
CA LYS D 278 -14.45 -33.61 0.30
C LYS D 278 -15.23 -32.28 0.37
N LEU D 279 -16.42 -32.31 0.97
CA LEU D 279 -17.15 -31.09 1.11
C LEU D 279 -16.75 -30.41 2.42
N ASN D 280 -16.66 -29.10 2.42
CA ASN D 280 -16.42 -28.35 3.64
C ASN D 280 -17.75 -28.22 4.43
N ARG D 281 -17.79 -28.77 5.64
CA ARG D 281 -18.94 -28.63 6.55
C ARG D 281 -18.45 -27.96 7.83
N GLN D 282 -19.29 -27.19 8.53
CA GLN D 282 -18.81 -26.45 9.72
C GLN D 282 -18.22 -27.34 10.86
N ASN D 283 -18.57 -28.64 10.86
CA ASN D 283 -18.07 -29.59 11.85
C ASN D 283 -17.13 -30.59 11.21
N GLN D 284 -16.85 -30.41 9.92
CA GLN D 284 -15.96 -31.32 9.16
C GLN D 284 -15.06 -30.47 8.25
N ILE D 285 -14.32 -29.57 8.86
CA ILE D 285 -13.55 -28.55 8.12
C ILE D 285 -12.36 -29.12 7.29
N ALA D 286 -11.44 -29.86 7.95
CA ALA D 286 -10.23 -30.41 7.30
C ALA D 286 -9.75 -31.71 7.94
N VAL D 287 -9.41 -32.68 7.11
CA VAL D 287 -9.07 -34.02 7.59
C VAL D 287 -7.71 -34.14 8.31
N ASP D 288 -7.60 -35.17 9.17
CA ASP D 288 -6.40 -35.38 9.95
C ASP D 288 -5.20 -35.77 9.11
N GLU D 289 -5.41 -36.30 7.92
CA GLU D 289 -4.26 -36.63 7.07
C GLU D 289 -3.36 -35.38 6.84
N ILE D 290 -3.97 -34.19 6.92
CA ILE D 290 -3.23 -32.95 6.78
C ILE D 290 -3.20 -32.16 8.11
N ARG D 291 -4.08 -32.52 9.03
CA ARG D 291 -4.13 -31.83 10.31
C ARG D 291 -3.19 -32.49 11.33
N GLU D 292 -2.97 -33.82 11.17
CA GLU D 292 -2.15 -34.56 12.12
C GLU D 292 -0.87 -35.06 11.51
N ARG D 293 -0.96 -35.53 10.28
CA ARG D 293 0.15 -36.24 9.66
C ARG D 293 0.81 -35.51 8.48
N LEU D 294 0.62 -34.16 8.39
CA LEU D 294 1.18 -33.38 7.27
C LEU D 294 2.73 -33.48 7.15
N PHE D 295 3.18 -34.06 5.99
CA PHE D 295 4.60 -34.20 5.64
C PHE D 295 5.36 -35.10 6.63
N GLU D 296 4.64 -36.11 7.21
CA GLU D 296 5.20 -37.02 8.21
C GLU D 296 6.49 -37.67 7.76
N GLN D 297 6.46 -38.34 6.63
CA GLN D 297 7.66 -39.04 6.14
C GLN D 297 8.85 -38.11 5.83
N VAL D 298 8.63 -36.80 5.62
CA VAL D 298 9.76 -35.97 5.19
C VAL D 298 10.23 -34.96 6.23
N MET D 299 10.05 -35.30 7.51
CA MET D 299 10.59 -34.49 8.60
C MET D 299 10.35 -35.14 9.97
N ARG D 300 10.93 -34.53 11.00
CA ARG D 300 10.91 -35.06 12.38
C ARG D 300 9.51 -35.26 12.94
N ILE D 301 8.56 -34.44 12.52
CA ILE D 301 7.20 -34.54 13.04
C ILE D 301 6.17 -34.18 12.01
N GLY D 302 4.95 -34.72 12.18
CA GLY D 302 3.82 -34.39 11.33
C GLY D 302 3.33 -32.97 11.64
N LEU D 303 3.10 -32.18 10.60
CA LEU D 303 2.59 -30.81 10.78
C LEU D 303 1.05 -30.80 10.81
N ASP D 304 0.48 -29.64 11.06
CA ASP D 304 -0.96 -29.44 11.04
C ASP D 304 -1.22 -28.28 10.09
N LEU D 305 -1.78 -28.58 8.90
CA LEU D 305 -2.00 -27.54 7.87
C LEU D 305 -2.90 -26.37 8.36
N PRO D 306 -4.12 -26.66 8.88
CA PRO D 306 -5.02 -25.61 9.40
C PRO D 306 -4.30 -24.73 10.42
N ALA D 307 -3.55 -25.37 11.33
CA ALA D 307 -2.81 -24.63 12.34
C ALA D 307 -1.65 -23.81 11.69
N LEU D 308 -0.97 -24.38 10.69
CA LEU D 308 0.09 -23.63 9.98
C LEU D 308 -0.50 -22.38 9.32
N ASN D 309 -1.71 -22.54 8.72
CA ASN D 309 -2.41 -21.43 8.04
C ASN D 309 -2.69 -20.27 8.99
N MET D 310 -3.10 -20.58 10.25
CA MET D 310 -3.38 -19.55 11.26
C MET D 310 -2.09 -18.91 11.77
N GLN D 311 -1.03 -19.72 11.97
CA GLN D 311 0.29 -19.21 12.37
C GLN D 311 0.87 -18.32 11.23
N ARG D 312 0.58 -18.71 9.97
CA ARG D 312 1.08 -17.97 8.81
C ARG D 312 0.42 -16.59 8.71
N SER D 313 -0.91 -16.52 8.95
CA SER D 313 -1.62 -15.24 8.89
C SER D 313 -1.17 -14.26 9.97
N ARG D 314 -0.70 -14.79 11.11
CA ARG D 314 -0.15 -13.94 12.15
C ARG D 314 1.27 -13.52 11.80
N ASP D 315 2.05 -14.46 11.25
CA ASP D 315 3.40 -14.17 10.74
C ASP D 315 3.35 -13.00 9.75
N HIS D 316 2.30 -13.01 8.92
CA HIS D 316 2.11 -12.00 7.90
C HIS D 316 1.40 -10.76 8.38
N GLY D 317 1.09 -10.68 9.69
CA GLY D 317 0.47 -9.47 10.24
C GLY D 317 -0.89 -9.18 9.68
N LEU D 318 -1.58 -10.22 9.27
CA LEU D 318 -2.89 -10.06 8.68
C LEU D 318 -4.02 -9.75 9.68
N PRO D 319 -4.86 -8.73 9.38
CA PRO D 319 -6.01 -8.35 10.22
C PRO D 319 -6.94 -9.56 10.47
N GLY D 320 -7.72 -9.48 11.58
CA GLY D 320 -8.65 -10.55 12.00
C GLY D 320 -9.96 -10.55 11.24
N TYR D 321 -10.81 -11.52 11.53
CA TYR D 321 -12.08 -11.73 10.84
C TYR D 321 -12.93 -10.46 10.58
N ASN D 322 -13.22 -9.68 11.63
CA ASN D 322 -14.12 -8.55 11.47
C ASN D 322 -13.54 -7.44 10.63
N ALA D 323 -12.22 -7.28 10.66
CA ALA D 323 -11.56 -6.27 9.85
C ALA D 323 -11.76 -6.58 8.35
N TRP D 324 -11.64 -7.89 8.00
CA TRP D 324 -11.86 -8.35 6.64
C TRP D 324 -13.32 -8.31 6.24
N ARG D 325 -14.22 -8.65 7.14
CA ARG D 325 -15.64 -8.49 6.85
C ARG D 325 -15.96 -7.02 6.49
N ARG D 326 -15.44 -6.09 7.29
CA ARG D 326 -15.65 -4.67 7.07
C ARG D 326 -15.04 -4.23 5.73
N PHE D 327 -13.83 -4.68 5.46
CA PHE D 327 -13.19 -4.38 4.17
C PHE D 327 -14.13 -4.82 3.02
N CYS D 328 -14.76 -5.96 3.21
CA CYS D 328 -15.70 -6.52 2.25
C CYS D 328 -17.13 -5.94 2.32
N GLY D 329 -17.38 -4.98 3.22
CA GLY D 329 -18.72 -4.43 3.35
C GLY D 329 -19.69 -5.41 4.01
N LEU D 330 -19.16 -6.45 4.65
CA LEU D 330 -19.99 -7.41 5.38
C LEU D 330 -20.14 -7.01 6.83
N PRO D 331 -21.33 -7.26 7.43
CA PRO D 331 -21.63 -6.91 8.83
C PRO D 331 -20.62 -7.56 9.76
N GLN D 332 -20.24 -6.88 10.83
CA GLN D 332 -19.24 -7.41 11.74
C GLN D 332 -19.83 -7.88 13.07
N PRO D 333 -19.96 -9.21 13.25
CA PRO D 333 -20.50 -9.79 14.50
C PRO D 333 -19.60 -9.47 15.72
N GLU D 334 -20.19 -8.93 16.79
CA GLU D 334 -19.41 -8.57 17.97
C GLU D 334 -19.75 -9.42 19.19
N THR D 335 -20.90 -10.06 19.18
CA THR D 335 -21.31 -10.94 20.29
C THR D 335 -21.32 -12.36 19.79
N VAL D 336 -21.36 -13.30 20.72
CA VAL D 336 -21.45 -14.69 20.31
C VAL D 336 -22.78 -14.94 19.58
N GLY D 337 -23.84 -14.26 20.02
CA GLY D 337 -25.13 -14.38 19.36
C GLY D 337 -25.08 -13.90 17.91
N GLN D 338 -24.41 -12.76 17.69
CA GLN D 338 -24.22 -12.22 16.33
C GLN D 338 -23.40 -13.18 15.47
N LEU D 339 -22.32 -13.70 16.02
CA LEU D 339 -21.49 -14.61 15.27
C LEU D 339 -22.27 -15.84 14.84
N GLY D 340 -23.15 -16.34 15.73
CA GLY D 340 -23.94 -17.53 15.46
C GLY D 340 -24.89 -17.29 14.30
N THR D 341 -25.47 -16.08 14.27
CA THR D 341 -26.33 -15.64 13.19
C THR D 341 -25.57 -15.57 11.84
N VAL D 342 -24.37 -14.95 11.85
CA VAL D 342 -23.58 -14.85 10.63
C VAL D 342 -23.17 -16.24 10.15
N LEU D 343 -22.79 -17.08 11.08
CA LEU D 343 -22.37 -18.44 10.77
C LEU D 343 -23.56 -19.43 10.64
N ARG D 344 -24.77 -18.95 11.00
CA ARG D 344 -25.95 -19.82 11.03
C ARG D 344 -25.61 -21.09 11.76
N ASN D 345 -24.87 -20.90 12.86
CA ASN D 345 -24.40 -22.03 13.64
C ASN D 345 -23.92 -21.55 15.00
N LEU D 346 -24.78 -21.61 15.99
CA LEU D 346 -24.42 -21.09 17.31
C LEU D 346 -23.33 -21.95 18.00
N LYS D 347 -23.42 -23.26 17.81
CA LYS D 347 -22.46 -24.17 18.37
C LYS D 347 -21.02 -23.79 17.92
N LEU D 348 -20.86 -23.51 16.61
CA LEU D 348 -19.55 -23.12 16.05
C LEU D 348 -19.11 -21.75 16.59
N ALA D 349 -20.04 -20.80 16.63
CA ALA D 349 -19.73 -19.48 17.14
C ALA D 349 -19.24 -19.56 18.57
N ARG D 350 -19.85 -20.43 19.38
CA ARG D 350 -19.41 -20.59 20.79
C ARG D 350 -17.95 -21.08 20.88
N LYS D 351 -17.62 -22.11 20.08
CA LYS D 351 -16.26 -22.66 19.98
C LYS D 351 -15.27 -21.56 19.56
N LEU D 352 -15.66 -20.76 18.55
CA LEU D 352 -14.86 -19.64 18.10
C LEU D 352 -14.72 -18.59 19.21
N MET D 353 -15.83 -18.20 19.87
CA MET D 353 -15.73 -17.25 21.00
C MET D 353 -14.81 -17.78 22.10
N GLU D 354 -14.93 -19.06 22.40
CA GLU D 354 -14.13 -19.69 23.47
C GLU D 354 -12.63 -19.77 23.11
N GLN D 355 -12.33 -19.82 21.85
CA GLN D 355 -10.95 -19.85 21.47
C GLN D 355 -10.38 -18.45 21.42
N TYR D 356 -11.14 -17.54 20.83
CA TYR D 356 -10.62 -16.21 20.49
C TYR D 356 -11.04 -15.06 21.45
N GLY D 357 -12.13 -15.23 22.21
CA GLY D 357 -12.58 -14.19 23.13
C GLY D 357 -13.44 -13.10 22.46
N THR D 358 -13.18 -12.85 21.18
CA THR D 358 -13.88 -11.83 20.38
C THR D 358 -13.78 -12.20 18.90
N PRO D 359 -14.85 -12.02 18.11
CA PRO D 359 -14.78 -12.33 16.67
C PRO D 359 -13.74 -11.43 15.95
N ASN D 360 -13.37 -10.29 16.55
CA ASN D 360 -12.32 -9.42 15.97
C ASN D 360 -10.97 -10.15 15.81
N ASN D 361 -10.74 -11.17 16.65
CA ASN D 361 -9.48 -11.88 16.67
C ASN D 361 -9.49 -13.22 15.92
N ILE D 362 -10.63 -13.62 15.40
CA ILE D 362 -10.66 -14.84 14.61
C ILE D 362 -9.70 -14.70 13.41
N ASP D 363 -8.73 -15.63 13.33
CA ASP D 363 -7.76 -15.65 12.22
C ASP D 363 -8.52 -15.79 10.89
N ILE D 364 -8.03 -15.08 9.84
CA ILE D 364 -8.74 -14.99 8.54
C ILE D 364 -9.11 -16.35 7.88
N TRP D 365 -8.20 -17.32 7.82
CA TRP D 365 -8.55 -18.63 7.27
C TRP D 365 -9.66 -19.32 8.11
N MET D 366 -9.51 -19.32 9.43
CA MET D 366 -10.49 -19.97 10.31
C MET D 366 -11.88 -19.36 10.12
N GLY D 367 -11.97 -18.02 10.22
CA GLY D 367 -13.25 -17.34 10.02
C GLY D 367 -13.82 -17.56 8.66
N GLY D 368 -12.89 -17.55 7.65
CA GLY D 368 -13.25 -17.74 6.24
C GLY D 368 -13.85 -19.12 5.95
N VAL D 369 -13.19 -20.18 6.39
CA VAL D 369 -13.72 -21.50 6.13
C VAL D 369 -14.87 -21.85 7.05
N SER D 370 -15.10 -21.01 8.10
CA SER D 370 -16.19 -21.24 9.08
C SER D 370 -17.53 -20.77 8.57
N GLU D 371 -17.53 -19.78 7.67
CA GLU D 371 -18.78 -19.28 7.11
C GLU D 371 -19.48 -20.30 6.22
N PRO D 372 -20.83 -20.37 6.32
CA PRO D 372 -21.64 -21.28 5.49
C PRO D 372 -21.45 -20.92 4.01
N LEU D 373 -21.41 -21.95 3.17
CA LEU D 373 -21.10 -21.82 1.74
C LEU D 373 -22.22 -21.22 0.95
N LYS D 374 -21.85 -20.33 0.05
CA LYS D 374 -22.81 -19.72 -0.84
C LYS D 374 -23.49 -20.79 -1.72
N ARG D 375 -24.72 -20.52 -2.08
CA ARG D 375 -25.47 -21.43 -2.94
C ARG D 375 -24.70 -21.69 -4.25
N LYS D 376 -24.43 -22.96 -4.54
CA LYS D 376 -23.69 -23.38 -5.75
C LYS D 376 -22.22 -22.92 -5.72
N GLY D 377 -21.77 -22.55 -4.53
CA GLY D 377 -20.39 -22.16 -4.29
C GLY D 377 -19.77 -23.00 -3.19
N ARG D 378 -18.44 -22.91 -3.03
CA ARG D 378 -17.76 -23.67 -1.99
C ARG D 378 -16.96 -22.79 -1.01
N VAL D 379 -17.34 -21.53 -0.94
CA VAL D 379 -16.86 -20.61 0.06
C VAL D 379 -18.02 -19.74 0.48
N GLY D 380 -17.89 -19.12 1.62
CA GLY D 380 -18.90 -18.17 2.09
C GLY D 380 -18.65 -16.74 1.58
N PRO D 381 -19.47 -15.75 2.04
CA PRO D 381 -19.36 -14.33 1.62
C PRO D 381 -17.97 -13.69 1.77
N LEU D 382 -17.30 -13.95 2.89
CA LEU D 382 -16.01 -13.32 3.10
C LEU D 382 -14.95 -13.85 2.10
N LEU D 383 -14.75 -15.14 2.05
CA LEU D 383 -13.81 -15.73 1.14
C LEU D 383 -14.18 -15.44 -0.28
N ALA D 384 -15.48 -15.44 -0.59
CA ALA D 384 -15.97 -15.06 -1.94
C ALA D 384 -15.51 -13.65 -2.30
N CYS D 385 -15.68 -12.71 -1.36
CA CYS D 385 -15.23 -11.33 -1.55
C CYS D 385 -13.73 -11.25 -1.79
N ILE D 386 -12.96 -11.93 -0.96
CA ILE D 386 -11.54 -11.86 -1.06
C ILE D 386 -11.03 -12.54 -2.34
N ILE D 387 -11.54 -13.73 -2.62
CA ILE D 387 -11.11 -14.46 -3.80
C ILE D 387 -11.62 -13.82 -5.10
N GLY D 388 -12.89 -13.39 -5.14
CA GLY D 388 -13.46 -12.75 -6.32
C GLY D 388 -12.78 -11.42 -6.68
N THR D 389 -12.48 -10.60 -5.66
CA THR D 389 -11.78 -9.33 -5.87
C THR D 389 -10.37 -9.58 -6.47
N GLN D 390 -9.61 -10.57 -5.90
CA GLN D 390 -8.28 -10.93 -6.40
C GLN D 390 -8.30 -11.35 -7.87
N PHE D 391 -9.20 -12.28 -8.23
CA PHE D 391 -9.26 -12.77 -9.60
C PHE D 391 -9.70 -11.70 -10.62
N ARG D 392 -10.58 -10.76 -10.22
CA ARG D 392 -10.97 -9.75 -11.14
C ARG D 392 -9.76 -8.92 -11.50
N LYS D 393 -8.91 -8.66 -10.48
CA LYS D 393 -7.69 -7.86 -10.68
C LYS D 393 -6.69 -8.58 -11.56
N LEU D 394 -6.59 -9.88 -11.39
CA LEU D 394 -5.69 -10.67 -12.21
C LEU D 394 -6.12 -10.69 -13.68
N ARG D 395 -7.44 -10.54 -13.90
CA ARG D 395 -8.00 -10.55 -15.26
C ARG D 395 -7.91 -9.19 -15.95
N ASP D 396 -8.49 -8.17 -15.27
CA ASP D 396 -8.62 -6.81 -15.78
C ASP D 396 -7.28 -6.08 -15.82
N GLY D 397 -6.38 -6.44 -14.92
CA GLY D 397 -5.07 -5.78 -14.87
C GLY D 397 -3.97 -6.53 -15.60
N ASP D 398 -4.34 -7.40 -16.53
CA ASP D 398 -3.36 -8.19 -17.26
C ASP D 398 -3.32 -7.79 -18.75
N ARG D 399 -2.21 -7.19 -19.18
CA ARG D 399 -2.08 -6.74 -20.58
C ARG D 399 -2.22 -7.90 -21.58
N PHE D 400 -1.88 -9.11 -21.14
CA PHE D 400 -1.90 -10.27 -21.99
C PHE D 400 -3.05 -11.19 -21.72
N TRP D 401 -4.13 -10.68 -21.10
CA TRP D 401 -5.34 -11.48 -20.93
C TRP D 401 -5.81 -12.00 -22.31
N TRP D 402 -6.07 -13.30 -22.42
CA TRP D 402 -6.38 -13.93 -23.70
C TRP D 402 -7.48 -13.23 -24.52
N GLU D 403 -8.42 -12.55 -23.82
CA GLU D 403 -9.53 -11.84 -24.46
C GLU D 403 -9.26 -10.36 -24.75
N ASN D 404 -8.15 -9.84 -24.27
CA ASN D 404 -7.83 -8.43 -24.54
C ASN D 404 -7.61 -8.22 -26.06
N GLU D 405 -8.12 -7.13 -26.65
CA GLU D 405 -7.87 -6.94 -28.09
C GLU D 405 -6.37 -6.91 -28.35
N GLY D 406 -5.96 -7.55 -29.46
CA GLY D 406 -4.55 -7.50 -29.83
C GLY D 406 -3.74 -8.70 -29.41
N VAL D 407 -4.24 -9.47 -28.41
CA VAL D 407 -3.53 -10.66 -27.90
C VAL D 407 -3.66 -11.84 -28.86
N PHE D 408 -4.90 -12.19 -29.16
CA PHE D 408 -5.22 -13.22 -30.12
C PHE D 408 -6.14 -12.60 -31.16
N SER D 409 -6.26 -13.24 -32.32
CA SER D 409 -7.22 -12.80 -33.32
C SER D 409 -8.64 -13.28 -32.94
N MET D 410 -9.64 -12.70 -33.58
CA MET D 410 -11.04 -13.10 -33.34
C MET D 410 -11.25 -14.57 -33.68
N GLN D 411 -10.51 -15.06 -34.69
CA GLN D 411 -10.56 -16.46 -35.07
C GLN D 411 -9.78 -17.32 -34.08
N GLN D 412 -8.68 -16.77 -33.52
CA GLN D 412 -7.91 -17.52 -32.53
C GLN D 412 -8.68 -17.67 -31.20
N ARG D 413 -9.45 -16.64 -30.84
CA ARG D 413 -10.27 -16.70 -29.63
C ARG D 413 -11.40 -17.74 -29.78
N GLN D 414 -11.98 -17.83 -30.99
CA GLN D 414 -13.03 -18.80 -31.28
C GLN D 414 -12.51 -20.23 -31.06
N ALA D 415 -11.28 -20.48 -31.51
CA ALA D 415 -10.68 -21.80 -31.40
C ALA D 415 -10.36 -22.15 -29.92
N LEU D 416 -9.82 -21.17 -29.19
CA LEU D 416 -9.50 -21.32 -27.76
C LEU D 416 -10.75 -21.57 -26.87
N ALA D 417 -11.88 -20.90 -27.19
CA ALA D 417 -13.16 -21.08 -26.45
C ALA D 417 -13.69 -22.54 -26.49
N GLN D 418 -13.12 -23.36 -27.37
CA GLN D 418 -13.52 -24.75 -27.50
C GLN D 418 -12.59 -25.65 -26.71
N ILE D 419 -11.61 -25.09 -25.95
CA ILE D 419 -10.71 -25.95 -25.15
C ILE D 419 -11.37 -26.38 -23.82
N SER D 420 -10.86 -27.44 -23.25
CA SER D 420 -11.33 -27.95 -21.97
C SER D 420 -10.29 -28.90 -21.40
N LEU D 421 -10.28 -29.02 -20.09
CA LEU D 421 -9.32 -29.89 -19.40
C LEU D 421 -9.47 -31.33 -19.86
N PRO D 422 -10.71 -31.81 -20.02
CA PRO D 422 -10.97 -33.18 -20.50
C PRO D 422 -10.30 -33.46 -21.86
N ARG D 423 -10.51 -32.54 -22.82
CA ARG D 423 -9.87 -32.68 -24.12
C ARG D 423 -8.35 -32.64 -24.01
N ILE D 424 -7.82 -31.76 -23.14
CA ILE D 424 -6.37 -31.72 -22.93
C ILE D 424 -5.91 -33.07 -22.37
N ILE D 425 -6.69 -33.63 -21.43
CA ILE D 425 -6.37 -34.97 -20.91
C ILE D 425 -6.36 -36.02 -22.05
N CYS D 426 -7.34 -35.96 -22.94
CA CYS D 426 -7.40 -36.88 -24.09
C CYS D 426 -6.20 -36.74 -25.04
N ASP D 427 -5.63 -35.54 -25.12
CA ASP D 427 -4.52 -35.28 -26.05
C ASP D 427 -3.18 -35.70 -25.51
N ASN D 428 -3.05 -35.92 -24.20
CA ASN D 428 -1.70 -36.14 -23.63
C ASN D 428 -1.58 -37.39 -22.75
N THR D 429 -2.59 -38.25 -22.79
CA THR D 429 -2.60 -39.46 -21.94
C THR D 429 -3.17 -40.66 -22.67
N GLY D 430 -2.99 -41.83 -22.06
CA GLY D 430 -3.61 -43.04 -22.58
C GLY D 430 -5.11 -43.15 -22.21
N ILE D 431 -5.61 -42.23 -21.39
CA ILE D 431 -7.03 -42.22 -21.01
C ILE D 431 -7.91 -41.84 -22.19
N THR D 432 -8.82 -42.73 -22.56
CA THR D 432 -9.72 -42.51 -23.69
C THR D 432 -11.13 -42.24 -23.25
N THR D 433 -11.35 -42.30 -21.93
CA THR D 433 -12.65 -42.01 -21.32
C THR D 433 -12.49 -40.89 -20.34
N VAL D 434 -13.17 -39.77 -20.58
CA VAL D 434 -12.99 -38.61 -19.71
C VAL D 434 -14.32 -38.00 -19.24
N SER D 435 -14.21 -37.22 -18.17
CA SER D 435 -15.33 -36.54 -17.54
C SER D 435 -16.05 -35.60 -18.52
N LYS D 436 -17.37 -35.58 -18.44
CA LYS D 436 -18.20 -34.66 -19.22
C LYS D 436 -18.06 -33.28 -18.59
N ASN D 437 -18.04 -32.22 -19.41
CA ASN D 437 -17.99 -30.88 -18.83
C ASN D 437 -19.25 -30.68 -18.00
N ASN D 438 -19.17 -29.99 -16.86
CA ASN D 438 -17.97 -29.37 -16.29
C ASN D 438 -17.18 -30.39 -15.44
N ILE D 439 -15.88 -30.57 -15.78
CA ILE D 439 -14.96 -31.50 -15.10
C ILE D 439 -14.85 -31.26 -13.58
N PHE D 440 -15.15 -30.03 -13.13
CA PHE D 440 -15.09 -29.73 -11.71
C PHE D 440 -16.35 -30.21 -10.98
N MET D 441 -17.43 -30.43 -11.75
CA MET D 441 -18.69 -30.92 -11.18
C MET D 441 -18.79 -32.45 -11.33
N SER D 442 -18.58 -32.94 -12.55
CA SER D 442 -18.59 -34.38 -12.79
C SER D 442 -17.66 -35.06 -11.84
N ASN D 443 -18.04 -36.27 -11.34
CA ASN D 443 -17.20 -37.06 -10.40
C ASN D 443 -17.67 -38.52 -10.27
N SER D 444 -18.59 -38.92 -11.15
CA SER D 444 -19.21 -40.24 -11.11
C SER D 444 -19.10 -41.03 -12.43
N TYR D 445 -18.34 -42.10 -12.40
CA TYR D 445 -18.21 -42.99 -13.55
C TYR D 445 -19.09 -44.24 -13.33
N PRO D 446 -19.81 -44.71 -14.38
CA PRO D 446 -19.80 -44.12 -15.74
C PRO D 446 -20.72 -42.90 -16.02
N ARG D 447 -21.65 -42.56 -15.14
CA ARG D 447 -22.65 -41.48 -15.35
C ARG D 447 -22.08 -40.14 -15.92
N ASP D 448 -20.95 -39.71 -15.39
CA ASP D 448 -20.42 -38.42 -15.76
C ASP D 448 -19.25 -38.51 -16.72
N PHE D 449 -19.24 -39.49 -17.63
CA PHE D 449 -18.10 -39.67 -18.54
C PHE D 449 -18.50 -39.90 -20.00
N VAL D 450 -17.56 -39.61 -20.90
CA VAL D 450 -17.72 -39.78 -22.35
C VAL D 450 -16.40 -40.16 -22.97
N ASN D 451 -16.45 -40.69 -24.17
CA ASN D 451 -15.24 -41.10 -24.87
C ASN D 451 -14.53 -39.90 -25.42
N CYS D 452 -13.22 -39.98 -25.44
CA CYS D 452 -12.37 -38.92 -25.96
C CYS D 452 -12.69 -38.60 -27.42
N SER D 453 -13.12 -39.65 -28.18
CA SER D 453 -13.40 -39.55 -29.62
C SER D 453 -14.62 -38.68 -29.94
N THR D 454 -15.36 -38.27 -28.91
CA THR D 454 -16.57 -37.44 -29.09
C THR D 454 -16.30 -35.94 -28.85
N LEU D 455 -15.08 -35.63 -28.42
CA LEU D 455 -14.67 -34.27 -28.11
C LEU D 455 -13.82 -33.65 -29.22
N PRO D 456 -14.17 -32.43 -29.70
CA PRO D 456 -13.42 -31.74 -30.78
C PRO D 456 -12.09 -31.24 -30.30
N ALA D 457 -11.06 -31.55 -31.05
CA ALA D 457 -9.74 -31.08 -30.73
C ALA D 457 -9.64 -29.57 -31.00
N LEU D 458 -8.60 -28.96 -30.48
CA LEU D 458 -8.36 -27.55 -30.73
C LEU D 458 -7.87 -27.38 -32.19
N ASN D 459 -8.50 -26.45 -32.88
CA ASN D 459 -8.19 -26.16 -34.27
C ASN D 459 -7.14 -25.05 -34.33
N LEU D 460 -5.91 -25.39 -34.74
CA LEU D 460 -4.84 -24.39 -34.84
C LEU D 460 -4.72 -23.78 -36.23
N ALA D 461 -5.73 -23.93 -37.05
CA ALA D 461 -5.65 -23.41 -38.43
C ALA D 461 -5.46 -21.86 -38.49
N SER D 462 -6.10 -21.12 -37.56
CA SER D 462 -5.97 -19.66 -37.48
C SER D 462 -4.58 -19.22 -36.90
N TRP D 463 -3.78 -20.17 -36.45
CA TRP D 463 -2.40 -19.90 -36.05
C TRP D 463 -1.45 -20.02 -37.25
N ARG D 464 -1.98 -20.33 -38.45
CA ARG D 464 -1.16 -20.44 -39.67
C ARG D 464 -0.70 -19.06 -40.12
N GLU D 465 0.59 -18.91 -40.27
CA GLU D 465 1.14 -17.67 -40.69
C GLU D 465 1.04 -17.53 -42.20
N ALA D 466 1.16 -18.69 -42.87
CA ALA D 466 1.09 -18.84 -44.34
C ALA D 466 2.27 -18.13 -45.07
C1 NAG E . -14.99 3.14 8.78
C2 NAG E . -16.35 2.73 8.26
C3 NAG E . -16.14 1.50 7.37
C4 NAG E . -15.11 1.79 6.27
C5 NAG E . -13.82 2.49 6.82
C6 NAG E . -12.98 3.11 5.70
C7 NAG E . -18.15 3.28 9.76
C8 NAG E . -19.07 2.89 10.92
N2 NAG E . -17.25 2.39 9.35
O3 NAG E . -17.39 1.13 6.78
O4 NAG E . -14.73 0.56 5.66
O5 NAG E . -14.19 3.60 7.69
O6 NAG E . -13.85 3.99 4.96
O7 NAG E . -18.25 4.39 9.24
C1 NAG E . -14.79 0.56 4.28
C2 NAG E . -13.84 -0.50 3.71
C3 NAG E . -14.01 -0.61 2.17
C4 NAG E . -15.51 -0.79 1.83
C5 NAG E . -16.31 0.37 2.45
C6 NAG E . -17.80 0.34 2.16
C7 NAG E . -11.88 -0.64 5.10
C8 NAG E . -10.52 -0.13 5.50
N2 NAG E . -12.50 -0.08 4.05
O3 NAG E . -13.23 -1.70 1.64
O4 NAG E . -15.71 -0.80 0.41
O5 NAG E . -16.15 0.36 3.88
O6 NAG E . -18.33 -0.95 2.39
O7 NAG E . -12.38 -1.57 5.71
C1 BMA E . -16.02 -2.03 -0.15
C2 BMA E . -16.84 -1.86 -1.41
C3 BMA E . -17.21 -3.25 -1.93
C4 BMA E . -15.93 -4.08 -2.17
C5 BMA E . -15.03 -4.06 -0.93
C6 BMA E . -13.65 -4.66 -1.18
O2 BMA E . -16.09 -1.14 -2.41
O3 BMA E . -17.92 -3.05 -3.16
O4 BMA E . -16.26 -5.44 -2.51
O5 BMA E . -14.80 -2.70 -0.51
O6 BMA E . -13.04 -3.99 -2.32
C1 MAN E . -18.73 -4.10 -3.54
C2 MAN E . -18.89 -4.03 -5.05
C3 MAN E . -19.53 -2.68 -5.41
C4 MAN E . -20.86 -2.49 -4.65
C5 MAN E . -20.71 -2.77 -3.16
C6 MAN E . -22.07 -2.95 -2.52
O2 MAN E . -19.67 -5.12 -5.50
O3 MAN E . -19.79 -2.62 -6.81
O4 MAN E . -21.28 -1.14 -4.81
O5 MAN E . -20.00 -4.01 -2.93
O6 MAN E . -22.65 -4.21 -2.87
C1 MAN E . -12.43 -2.78 -1.99
C2 MAN E . -12.80 -1.72 -3.04
C3 MAN E . -12.23 -2.12 -4.41
C4 MAN E . -10.71 -2.32 -4.28
C5 MAN E . -10.46 -3.39 -3.22
C6 MAN E . -9.02 -3.69 -2.99
O2 MAN E . -12.29 -0.44 -2.64
O3 MAN E . -12.51 -1.13 -5.41
O4 MAN E . -10.15 -2.71 -5.52
O5 MAN E . -11.01 -2.93 -1.97
O6 MAN E . -8.34 -2.51 -2.54
C1 FUC E . -13.25 4.66 3.91
C2 FUC E . -14.34 4.99 2.89
C3 FUC E . -15.34 5.99 3.51
C4 FUC E . -14.58 7.21 4.04
C5 FUC E . -13.48 6.79 5.01
C6 FUC E . -12.64 7.96 5.51
O2 FUC E . -15.01 3.76 2.56
O3 FUC E . -16.31 6.42 2.57
O4 FUC E . -13.98 7.86 2.92
O5 FUC E . -12.60 5.87 4.35
C1 NAG F . -9.94 1.16 -14.44
C2 NAG F . -11.23 1.95 -14.48
C3 NAG F . -11.06 3.11 -13.53
C4 NAG F . -10.80 2.59 -12.12
C5 NAG F . -9.64 1.55 -12.10
C6 NAG F . -9.60 0.74 -10.79
C7 NAG F . -12.35 1.73 -16.63
C8 NAG F . -12.67 2.28 -18.01
N2 NAG F . -11.54 2.44 -15.83
O3 NAG F . -12.20 3.95 -13.53
O4 NAG F . -10.45 3.72 -11.30
O5 NAG F . -9.81 0.58 -13.15
O6 NAG F . -10.93 0.19 -10.57
O7 NAG F . -12.82 0.62 -16.31
C1 NAG F . -11.09 3.82 -10.08
C2 NAG F . -10.17 4.54 -9.08
C3 NAG F . -10.92 4.74 -7.75
C4 NAG F . -12.23 5.47 -8.07
C5 NAG F . -13.06 4.67 -9.05
C6 NAG F . -14.36 5.34 -9.39
C7 NAG F . -7.87 4.04 -9.51
C8 NAG F . -6.68 3.11 -9.26
N2 NAG F . -8.99 3.76 -8.86
O3 NAG F . -10.10 5.48 -6.85
O4 NAG F . -13.01 5.71 -6.90
O5 NAG F . -12.34 4.52 -10.29
O6 NAG F . -14.11 6.50 -10.15
O7 NAG F . -7.75 4.99 -10.30
C1 BMA F . -13.06 7.03 -6.48
C2 BMA F . -14.40 7.28 -5.81
C3 BMA F . -14.44 8.67 -5.19
C4 BMA F . -13.19 8.89 -4.29
C5 BMA F . -11.94 8.55 -5.04
C6 BMA F . -10.73 8.64 -4.16
O2 BMA F . -14.63 6.31 -4.79
O3 BMA F . -15.63 8.75 -4.39
O4 BMA F . -13.09 10.25 -3.89
O5 BMA F . -12.01 7.21 -5.52
O6 BMA F . -10.98 7.90 -2.96
C1 MAN F . -16.26 9.99 -4.37
C2 MAN F . -17.24 10.00 -3.23
C3 MAN F . -18.21 8.84 -3.41
C4 MAN F . -18.91 8.99 -4.77
C5 MAN F . -17.92 9.20 -5.91
C6 MAN F . -18.64 9.67 -7.14
O2 MAN F . -17.96 11.22 -3.23
O3 MAN F . -19.16 8.84 -2.35
O4 MAN F . -19.65 7.82 -5.07
O5 MAN F . -16.95 10.23 -5.58
O6 MAN F . -19.57 10.70 -6.84
C1 MAN F . -10.57 6.57 -3.09
C2 MAN F . -11.59 5.66 -2.40
C3 MAN F . -11.61 6.00 -0.89
C4 MAN F . -10.21 5.82 -0.30
C5 MAN F . -9.22 6.72 -1.10
C6 MAN F . -7.78 6.53 -0.66
O2 MAN F . -11.23 4.29 -2.59
O3 MAN F . -12.56 5.22 -0.17
O4 MAN F . -10.21 6.16 1.08
O5 MAN F . -9.29 6.38 -2.53
O6 MAN F . -7.34 5.21 -0.95
C1 FUC F . -11.06 -0.61 -9.42
C2 FUC F . -12.52 -0.63 -9.06
C3 FUC F . -13.29 -1.23 -10.24
C4 FUC F . -12.81 -2.64 -10.55
C5 FUC F . -11.27 -2.67 -10.68
C6 FUC F . -10.69 -4.08 -10.67
O2 FUC F . -12.96 0.70 -8.79
O3 FUC F . -14.67 -1.28 -9.90
O4 FUC F . -13.22 -3.52 -9.53
O5 FUC F . -10.64 -1.96 -9.59
BR BR G . 0.57 8.28 -3.33
S SO4 H . 10.76 40.59 -10.22
O1 SO4 H . 10.27 39.21 -10.26
O2 SO4 H . 10.21 41.36 -11.34
O3 SO4 H . 12.22 40.57 -10.30
O4 SO4 H . 10.35 41.22 -8.97
C CYN I . 6.88 25.07 2.81
N CYN I . 7.26 24.19 3.43
C ACT J . -6.37 0.11 9.93
O ACT J . -5.64 -0.22 10.98
OXT ACT J . -6.90 -0.70 9.10
CH3 ACT J . -6.60 1.62 9.76
CHA HEM K . 7.83 21.77 0.38
CHB HEM K . 9.41 26.27 0.65
CHC HEM K . 4.97 27.75 1.79
CHD HEM K . 3.42 23.26 1.46
C1A HEM K . 8.61 22.90 0.17
C2A HEM K . 10.01 22.86 -0.15
C3A HEM K . 10.46 24.13 -0.06
C4A HEM K . 9.33 24.94 0.31
CMA HEM K . 11.90 24.62 -0.35
CAA HEM K . 10.80 21.62 -0.60
CBA HEM K . 11.14 21.69 -2.09
CGA HEM K . 11.75 20.41 -2.59
O1A HEM K . 12.99 20.35 -2.69
O2A HEM K . 10.99 19.45 -2.88
C1B HEM K . 8.36 27.05 1.12
C2B HEM K . 8.48 28.47 1.48
C3B HEM K . 7.22 28.87 1.82
C4B HEM K . 6.36 27.72 1.63
CMB HEM K . 9.77 29.33 1.40
CAB HEM K . 6.82 30.14 2.28
CBB HEM K . 7.60 31.00 3.15
C1C HEM K . 4.12 26.67 1.66
C2C HEM K . 2.68 26.73 1.84
C3C HEM K . 2.25 25.43 1.73
C4C HEM K . 3.43 24.63 1.49
CMC HEM K . 1.83 27.99 2.03
CAC HEM K . 0.94 24.92 1.78
CBC HEM K . -0.25 25.75 1.82
C1D HEM K . 4.53 22.45 1.24
C2D HEM K . 4.50 21.02 1.37
C3D HEM K . 5.77 20.59 1.10
C4D HEM K . 6.52 21.78 0.77
CMD HEM K . 3.30 20.17 1.83
CAD HEM K . 6.35 19.19 1.35
CBD HEM K . 6.89 19.03 2.79
CGD HEM K . 7.56 17.70 3.11
O1D HEM K . 6.85 16.65 3.28
O2D HEM K . 8.82 17.67 3.22
NA HEM K . 8.18 24.19 0.40
NB HEM K . 7.06 26.59 1.25
NC HEM K . 4.56 25.40 1.40
ND HEM K . 5.77 22.92 0.92
FE HEM K . 6.37 24.81 0.84
C1 NAG L . 11.63 28.02 32.78
C2 NAG L . 12.51 28.97 31.95
C3 NAG L . 13.04 30.09 32.81
C4 NAG L . 11.87 30.82 33.46
C5 NAG L . 11.06 29.81 34.28
C6 NAG L . 9.83 30.43 34.89
C7 NAG L . 13.74 28.12 30.03
C8 NAG L . 14.92 27.31 29.49
N2 NAG L . 13.62 28.23 31.37
O3 NAG L . 13.78 31.00 32.00
O4 NAG L . 12.34 31.89 34.27
O5 NAG L . 10.61 28.75 33.45
O6 NAG L . 8.85 30.67 33.90
O7 NAG L . 12.96 28.65 29.24
C1 NAG M . 22.22 42.87 9.56
C2 NAG M . 21.59 44.03 8.77
C3 NAG M . 21.89 45.41 9.40
C4 NAG M . 21.78 45.37 10.92
C5 NAG M . 22.51 44.14 11.46
C6 NAG M . 22.44 43.96 12.97
C7 NAG M . 21.39 44.07 6.36
C8 NAG M . 22.07 43.92 5.02
N2 NAG M . 22.16 43.98 7.44
O3 NAG M . 20.95 46.36 8.90
O4 NAG M . 22.35 46.56 11.44
O5 NAG M . 21.95 42.99 10.92
O6 NAG M . 23.38 42.98 13.40
O7 NAG M . 20.19 44.29 6.41
CA CA N . 1.28 16.09 13.41
S SO4 O . 33.64 35.47 11.88
O1 SO4 O . 32.85 34.53 12.66
O2 SO4 O . 34.97 34.90 11.64
O3 SO4 O . 33.74 36.73 12.62
O4 SO4 O . 32.98 35.72 10.60
S SO4 P . -14.15 34.59 -4.34
O1 SO4 P . -13.97 33.25 -3.79
O2 SO4 P . -13.14 35.50 -3.78
O3 SO4 P . -15.49 35.11 -4.02
O4 SO4 P . -13.97 34.53 -5.81
C ACT Q . 19.68 7.63 -3.00
O ACT Q . 20.57 6.99 -2.33
OXT ACT Q . 18.64 8.17 -2.58
CH3 ACT Q . 19.98 7.71 -4.47
C ACT R . -21.58 18.76 22.26
O ACT R . -21.77 17.57 21.82
OXT ACT R . -20.47 19.29 22.55
CH3 ACT R . -22.86 19.54 22.45
C ACT S . -22.54 27.72 -0.77
O ACT S . -21.79 28.72 -1.17
OXT ACT S . -23.16 26.90 -1.51
CH3 ACT S . -22.63 27.58 0.75
C ACT T . -9.26 31.92 22.31
O ACT T . -9.47 31.92 21.03
OXT ACT T . -10.12 32.00 23.24
CH3 ACT T . -7.80 31.83 22.68
C ACT U . -16.69 34.52 32.82
O ACT U . -15.87 33.52 32.54
OXT ACT U . -17.23 34.79 33.96
CH3 ACT U . -16.98 35.42 31.62
BR BR V . -2.52 47.04 17.06
BR BR W . 18.20 30.26 23.56
BR BR X . 12.67 24.22 4.10
C ACT Y . -1.09 1.41 -11.72
O ACT Y . 0.03 1.53 -12.38
OXT ACT Y . -1.69 2.33 -11.03
CH3 ACT Y . -1.74 0.02 -11.84
BR BR Z . -3.51 -7.73 2.71
S SO4 AA . -7.87 -42.05 10.43
O1 SO4 AA . -7.68 -40.58 10.48
O2 SO4 AA . -8.61 -42.49 11.62
O3 SO4 AA . -6.57 -42.73 10.37
O4 SO4 AA . -8.65 -42.41 9.23
C ACT BA . 6.43 1.73 -22.04
O ACT BA . 6.40 0.59 -22.65
OXT ACT BA . 7.21 2.07 -21.08
CH3 ACT BA . 5.37 2.71 -22.55
C CYN CA . -0.59 -25.90 -1.32
N CYN CA . 0.29 -25.31 -1.72
CHA HEM DA . 0.07 -23.08 1.38
CHB HEM DA . 0.01 -27.86 1.54
CHC HEM DA . -3.63 -27.94 -1.55
CHD HEM DA . -3.69 -23.17 -1.57
C1A HEM DA . 0.25 -24.36 1.84
C2A HEM DA . 1.32 -24.75 2.74
C3A HEM DA . 1.31 -26.11 2.77
C4A HEM DA . 0.23 -26.54 1.91
CMA HEM DA . 2.29 -27.00 3.49
CAA HEM DA . 2.18 -23.81 3.59
CBA HEM DA . 1.66 -23.75 5.03
CGA HEM DA . 2.33 -22.71 5.88
O1A HEM DA . 3.29 -23.06 6.59
O2A HEM DA . 1.89 -21.55 5.85
C1B HEM DA . -0.92 -28.30 0.61
C2B HEM DA . -1.07 -29.68 0.16
C3B HEM DA . -2.11 -29.71 -0.69
C4B HEM DA . -2.57 -28.33 -0.79
CMB HEM DA . -0.16 -30.85 0.55
CAB HEM DA . -2.69 -30.82 -1.34
CBB HEM DA . -1.96 -32.02 -1.77
C1C HEM DA . -4.05 -26.64 -1.71
C2C HEM DA . -5.18 -26.27 -2.47
C3C HEM DA . -5.22 -24.90 -2.48
C4C HEM DA . -4.08 -24.49 -1.71
CMC HEM DA . -6.21 -27.24 -3.06
CAC HEM DA . -6.16 -24.04 -3.02
CBC HEM DA . -7.38 -24.43 -3.68
C1D HEM DA . -2.62 -22.74 -0.84
C2D HEM DA . -2.11 -21.35 -0.85
C3D HEM DA . -0.99 -21.36 -0.08
C4D HEM DA . -0.87 -22.70 0.45
CMD HEM DA . -2.70 -20.17 -1.62
CAD HEM DA . 0.08 -20.26 0.03
CBD HEM DA . 1.18 -20.37 -1.05
CGD HEM DA . 2.31 -19.34 -0.88
O1D HEM DA . 2.06 -18.15 -1.13
O2D HEM DA . 3.46 -19.72 -0.51
NA HEM DA . -0.44 -25.47 1.37
NB HEM DA . -1.82 -27.47 0.00
NC HEM DA . -3.38 -25.55 -1.20
ND HEM DA . -1.82 -23.55 -0.07
FE HEM DA . -1.94 -25.52 0.11
C1 NAG EA . 15.05 -32.48 -26.64
C2 NAG EA . 15.15 -33.58 -25.56
C3 NAG EA . 15.69 -34.89 -26.13
C4 NAG EA . 15.03 -35.28 -27.46
C5 NAG EA . 14.88 -34.08 -28.42
C6 NAG EA . 13.93 -34.41 -29.56
C7 NAG EA . 15.66 -32.99 -23.22
C8 NAG EA . 16.73 -32.65 -22.20
N2 NAG EA . 16.07 -33.16 -24.49
O3 NAG EA . 15.44 -35.92 -25.17
O4 NAG EA . 15.83 -36.28 -28.10
O5 NAG EA . 14.29 -32.95 -27.77
O6 NAG EA . 12.57 -34.27 -29.14
O7 NAG EA . 14.49 -33.08 -22.86
C1 NAG FA . 9.72 -48.15 -2.66
C2 NAG FA . 8.58 -48.96 -2.08
C3 NAG FA . 8.71 -50.47 -2.41
C4 NAG FA . 9.16 -50.72 -3.85
C5 NAG FA . 10.26 -49.74 -4.27
C6 NAG FA . 10.63 -49.83 -5.75
C7 NAG FA . 7.54 -48.49 0.04
C8 NAG FA . 7.72 -48.26 1.53
N2 NAG FA . 8.64 -48.77 -0.65
O3 NAG FA . 7.45 -51.10 -2.26
O4 NAG FA . 9.61 -52.07 -3.94
O5 NAG FA . 9.84 -48.39 -4.05
O6 NAG FA . 11.77 -49.03 -6.06
O7 NAG FA . 6.41 -48.44 -0.47
CA CA GA . 1.83 -16.61 -12.60
S SO4 HA . -24.61 -27.35 -3.85
O1 SO4 HA . -24.64 -28.01 -2.53
O2 SO4 HA . -23.87 -26.09 -3.74
O3 SO4 HA . -25.97 -27.06 -4.31
O4 SO4 HA . -23.95 -28.23 -4.81
C ACT IA . 13.37 -12.93 10.52
O ACT IA . 13.26 -11.83 11.21
OXT ACT IA . 12.43 -13.72 10.14
CH3 ACT IA . 14.81 -13.26 10.15
C ACT JA . -14.89 -12.32 -30.30
O ACT JA . -15.31 -11.91 -29.14
OXT ACT JA . -14.14 -13.33 -30.56
CH3 ACT JA . -15.40 -11.46 -31.45
C ACT KA . -28.23 -18.83 -10.91
O ACT KA . -28.24 -19.98 -10.31
OXT ACT KA . -28.59 -17.70 -10.45
CH3 ACT KA . -27.70 -18.92 -12.34
C ACT LA . -8.95 -28.64 -26.18
O ACT LA . -9.56 -28.72 -25.03
OXT ACT LA . -9.49 -28.50 -27.33
CH3 ACT LA . -7.45 -28.75 -26.06
BR BR MA . -9.54 -44.75 -19.86
BR BR NA . 15.95 -36.01 -15.95
BR BR OA . 5.10 -27.20 -0.09
#